data_7TBG
#
_entry.id   7TBG
#
_cell.length_a   1.00
_cell.length_b   1.00
_cell.length_c   1.00
_cell.angle_alpha   90.00
_cell.angle_beta   90.00
_cell.angle_gamma   90.00
#
_symmetry.space_group_name_H-M   'P 1'
#
loop_
_entity.id
_entity.type
_entity.pdbx_description
1 polymer 'Two pore calcium channel protein 1'
2 non-polymer 'CALCIUM ION'
3 non-polymer 'SODIUM ION'
4 water water
#
_entity_poly.entity_id   1
_entity_poly.type   'polypeptide(L)'
_entity_poly.pdbx_seq_one_letter_code
;MEDPLIGRDSLGGGGTDRVRRSEAITHGTPFQKAAALVDLAEDGIGLPVEILDQSSFGESARYYFIFTRLDLIWSLNYFA
LLFLNFFEQPLWCEKNPKPSCKDRDYYYLGELPYLTNAESIIYEVITLAILLVHTFFPISYEGSRIFWTSRLNLVKVACV
VILFVDVLVDFLYLSPLAFDFLPFRIAPYVRVIIFILSIRELRDTLVLLSGMLGTYLNILALWMLFLLFASWIAFVMFED
TQQGLTVFTSYGATLYQMFILFTTSNNPDVWIPAYKSSRWSSVFFVLYVLIGVYFVTNLILAVVYDSFKEQLAKQVSGMD
QMKRRMLEKAFGLIDSDKNGEIDKNQCIKLFEQLTNYRTLPKISKEEFGLIFDELDDTRDFKINKDEFADLCQAIALRFQ
KEEVPSLFEHFPQIYHSALSQQLRAFVRSPNFGYAISFILIINFIAVVVETTLNIEESSAQKNWQVAEFVFGWIYVLEMA
LKIYTYGFENYWREGANRFDFLVTWVIVIGETATFITPDENTFFSNGEWIRYLLLARMLRLIRLLMNVQRYRAFIATFIT
LIPSLMPYLGTIFCVLCIYCSIGVQVFGGLVNAGNKKLFETELAEDDYLLFNFNDYPNGMVTLFNLLVMGNWQVWMESYK
DLTGTWWSITYFVSFYVITILLLLNLVVAFVLEAFFTELDLEEEEKCQGQDSQEKRNRRRSAGSKSRSQRVDTLLHHMLG
DELSKPECSTSDT
;
_entity_poly.pdbx_strand_id   A,B
#
loop_
_chem_comp.id
_chem_comp.type
_chem_comp.name
_chem_comp.formula
CA non-polymer 'CALCIUM ION' 'Ca 2'
NA non-polymer 'SODIUM ION' 'Na 1'
#
# COMPACT_ATOMS: atom_id res chain seq x y z
N ARG A 20 23.68 20.59 -28.22
CA ARG A 20 24.46 20.84 -26.97
C ARG A 20 25.94 20.74 -27.27
N ARG A 21 26.40 21.44 -28.31
CA ARG A 21 27.57 20.97 -29.03
C ARG A 21 28.83 21.23 -28.22
N SER A 22 29.59 20.16 -28.00
CA SER A 22 30.87 20.27 -27.31
C SER A 22 31.83 21.18 -28.06
N GLU A 23 31.77 21.18 -29.39
CA GLU A 23 32.57 22.10 -30.18
C GLU A 23 32.28 23.55 -29.83
N ALA A 24 31.01 23.90 -29.67
CA ALA A 24 30.64 25.27 -29.34
C ALA A 24 31.15 25.69 -27.97
N ILE A 25 31.03 24.82 -26.96
CA ILE A 25 31.59 25.13 -25.65
C ILE A 25 33.10 25.30 -25.72
N THR A 26 33.78 24.41 -26.45
CA THR A 26 35.24 24.37 -26.41
C THR A 26 35.88 25.48 -27.24
N HIS A 27 35.32 25.79 -28.40
CA HIS A 27 35.98 26.65 -29.38
C HIS A 27 35.20 27.89 -29.77
N GLY A 28 33.91 27.97 -29.47
CA GLY A 28 33.08 28.99 -30.05
C GLY A 28 33.40 30.39 -29.55
N THR A 29 32.94 31.36 -30.33
CA THR A 29 32.85 32.74 -29.89
C THR A 29 31.88 32.83 -28.70
N PRO A 30 32.05 33.81 -27.82
CA PRO A 30 31.24 33.80 -26.58
C PRO A 30 29.74 33.67 -26.78
N PHE A 31 29.17 34.19 -27.86
CA PHE A 31 27.76 33.99 -28.11
C PHE A 31 27.41 32.54 -28.41
N GLN A 32 28.33 31.80 -29.03
CA GLN A 32 28.13 30.36 -29.22
C GLN A 32 28.29 29.59 -27.91
N LYS A 33 29.26 29.98 -27.09
CA LYS A 33 29.37 29.38 -25.77
C LYS A 33 28.12 29.61 -24.93
N ALA A 34 27.58 30.83 -24.96
CA ALA A 34 26.35 31.12 -24.23
C ALA A 34 25.17 30.30 -24.73
N ALA A 35 24.95 30.25 -26.05
CA ALA A 35 23.89 29.40 -26.57
C ALA A 35 24.07 27.93 -26.20
N ALA A 36 25.32 27.45 -26.18
CA ALA A 36 25.54 26.06 -25.80
C ALA A 36 25.26 25.80 -24.33
N LEU A 37 25.76 26.66 -23.44
CA LEU A 37 25.48 26.48 -22.02
C LEU A 37 23.98 26.53 -21.74
N VAL A 38 23.26 27.39 -22.45
CA VAL A 38 21.81 27.44 -22.30
C VAL A 38 21.17 26.13 -22.70
N ASP A 39 21.55 25.59 -23.87
CA ASP A 39 20.94 24.33 -24.30
C ASP A 39 21.30 23.16 -23.40
N LEU A 40 22.51 23.14 -22.85
CA LEU A 40 22.86 22.16 -21.82
C LEU A 40 21.95 22.30 -20.61
N ALA A 41 21.87 23.50 -20.05
CA ALA A 41 21.14 23.68 -18.80
C ALA A 41 19.68 23.30 -18.97
N GLU A 42 19.04 23.75 -20.04
CA GLU A 42 17.63 23.43 -20.25
C GLU A 42 17.39 22.04 -20.79
N ASP A 43 18.41 21.32 -21.23
CA ASP A 43 18.27 19.88 -21.43
C ASP A 43 18.72 19.07 -20.22
N GLY A 44 18.97 19.72 -19.09
CA GLY A 44 19.23 19.04 -17.84
C GLY A 44 20.62 18.45 -17.65
N ILE A 45 21.59 18.86 -18.45
CA ILE A 45 22.97 18.42 -18.29
C ILE A 45 23.75 19.55 -17.61
N GLY A 46 24.36 19.26 -16.48
CA GLY A 46 25.22 20.22 -15.81
C GLY A 46 26.69 19.90 -16.04
N LEU A 47 27.42 20.89 -16.55
CA LEU A 47 28.86 20.88 -16.40
C LEU A 47 29.24 20.99 -14.92
N PRO A 48 30.32 20.34 -14.49
CA PRO A 48 30.71 20.43 -13.09
C PRO A 48 31.08 21.85 -12.69
N VAL A 49 30.77 22.18 -11.43
CA VAL A 49 31.04 23.52 -10.92
C VAL A 49 32.52 23.84 -11.02
N GLU A 50 33.37 22.81 -10.88
CA GLU A 50 34.81 22.96 -11.05
C GLU A 50 35.20 23.47 -12.43
N ILE A 51 34.34 23.29 -13.42
CA ILE A 51 34.49 23.92 -14.73
C ILE A 51 33.70 25.21 -14.82
N LEU A 52 32.47 25.18 -14.32
CA LEU A 52 31.55 26.30 -14.53
C LEU A 52 32.05 27.57 -13.85
N ASP A 53 32.78 27.43 -12.75
CA ASP A 53 33.40 28.56 -12.07
C ASP A 53 34.84 28.82 -12.47
N GLN A 54 35.37 28.07 -13.44
CA GLN A 54 36.80 28.09 -13.72
C GLN A 54 37.26 29.38 -14.39
N SER A 55 36.33 30.21 -14.86
CA SER A 55 36.65 31.38 -15.67
C SER A 55 37.38 31.03 -16.96
N SER A 56 37.36 29.75 -17.35
CA SER A 56 37.89 29.34 -18.65
C SER A 56 37.26 28.01 -19.02
N PHE A 57 36.47 28.00 -20.08
CA PHE A 57 35.87 26.79 -20.63
C PHE A 57 36.76 26.14 -21.68
N GLY A 58 38.05 26.43 -21.66
CA GLY A 58 38.96 25.90 -22.66
C GLY A 58 39.39 24.47 -22.42
N GLU A 59 40.69 24.29 -22.17
CA GLU A 59 41.28 22.96 -22.07
C GLU A 59 40.61 22.11 -21.00
N SER A 60 40.14 22.73 -19.91
CA SER A 60 39.38 21.98 -18.90
C SER A 60 38.14 21.34 -19.48
N ALA A 61 37.33 22.09 -20.23
CA ALA A 61 36.13 21.52 -20.84
C ALA A 61 36.45 20.51 -21.94
N ARG A 62 37.53 20.72 -22.69
CA ARG A 62 37.91 19.77 -23.73
C ARG A 62 38.02 18.34 -23.22
N TYR A 63 38.75 18.14 -22.12
CA TYR A 63 38.92 16.81 -21.55
C TYR A 63 37.63 16.24 -20.97
N TYR A 64 36.78 17.08 -20.38
CA TYR A 64 35.49 16.61 -19.88
C TYR A 64 34.62 15.98 -20.96
N PHE A 65 34.64 16.54 -22.17
CA PHE A 65 33.83 15.97 -23.24
C PHE A 65 34.35 14.64 -23.76
N ILE A 66 35.66 14.45 -23.90
CA ILE A 66 36.16 13.11 -24.24
C ILE A 66 35.91 12.12 -23.11
N PHE A 67 36.02 12.58 -21.87
CA PHE A 67 35.65 11.74 -20.73
C PHE A 67 34.23 11.26 -20.85
N THR A 68 33.28 12.15 -21.12
CA THR A 68 31.89 11.76 -21.23
C THR A 68 31.59 11.05 -22.54
N ARG A 69 32.42 11.23 -23.56
CA ARG A 69 32.32 10.43 -24.77
C ARG A 69 32.61 8.96 -24.50
N LEU A 70 33.40 8.67 -23.47
CA LEU A 70 33.75 7.29 -23.15
C LEU A 70 32.78 6.61 -22.17
N ASP A 71 31.62 7.21 -21.90
CA ASP A 71 30.70 6.70 -20.88
C ASP A 71 30.29 5.24 -21.07
N LEU A 72 30.16 4.77 -22.31
CA LEU A 72 29.84 3.37 -22.55
C LEU A 72 30.94 2.42 -22.07
N ILE A 73 32.20 2.78 -22.27
CA ILE A 73 33.30 1.95 -21.76
C ILE A 73 33.29 1.88 -20.24
N TRP A 74 33.11 3.01 -19.57
CA TRP A 74 33.06 3.01 -18.11
C TRP A 74 31.87 2.21 -17.58
N SER A 75 30.69 2.43 -18.16
CA SER A 75 29.50 1.72 -17.70
C SER A 75 29.66 0.22 -17.81
N LEU A 76 30.15 -0.25 -18.96
CA LEU A 76 30.46 -1.66 -19.13
C LEU A 76 31.47 -2.17 -18.11
N ASN A 77 32.49 -1.38 -17.80
CA ASN A 77 33.42 -1.81 -16.75
C ASN A 77 32.75 -1.96 -15.39
N TYR A 78 31.85 -1.05 -15.04
CA TYR A 78 31.16 -1.16 -13.75
C TYR A 78 30.19 -2.33 -13.68
N PHE A 79 29.43 -2.56 -14.72
CA PHE A 79 28.58 -3.76 -14.73
C PHE A 79 29.40 -5.05 -14.72
N ALA A 80 30.51 -5.09 -15.44
CA ALA A 80 31.38 -6.26 -15.37
C ALA A 80 31.89 -6.49 -13.95
N LEU A 81 32.32 -5.41 -13.29
CA LEU A 81 32.84 -5.50 -11.93
C LEU A 81 31.77 -5.97 -10.96
N LEU A 82 30.54 -5.48 -11.09
CA LEU A 82 29.46 -5.99 -10.24
C LEU A 82 29.15 -7.46 -10.53
N PHE A 83 29.02 -7.83 -11.79
CA PHE A 83 28.67 -9.20 -12.15
C PHE A 83 29.75 -10.22 -11.81
N LEU A 84 30.99 -9.79 -11.60
CA LEU A 84 32.02 -10.73 -11.14
C LEU A 84 31.59 -11.52 -9.91
N ASN A 85 30.82 -10.91 -9.00
CA ASN A 85 30.30 -11.61 -7.84
C ASN A 85 29.52 -12.88 -8.17
N PHE A 86 28.84 -12.93 -9.31
CA PHE A 86 28.03 -14.10 -9.66
C PHE A 86 28.85 -15.29 -10.12
N PHE A 87 30.12 -15.11 -10.44
CA PHE A 87 30.95 -16.15 -11.02
C PHE A 87 32.13 -16.56 -10.15
N GLU A 88 32.29 -15.97 -8.97
CA GLU A 88 33.32 -16.40 -8.03
C GLU A 88 32.93 -17.67 -7.28
N GLN A 89 33.93 -18.51 -7.03
CA GLN A 89 33.74 -19.68 -6.17
C GLN A 89 33.45 -19.28 -4.72
N PRO A 90 32.44 -19.87 -4.08
CA PRO A 90 32.22 -19.62 -2.65
C PRO A 90 33.42 -20.02 -1.81
N LEU A 91 33.69 -19.21 -0.79
CA LEU A 91 34.88 -19.41 0.04
C LEU A 91 34.86 -20.76 0.77
N TRP A 92 33.68 -21.24 1.15
CA TRP A 92 33.59 -22.56 1.77
C TRP A 92 34.02 -23.69 0.83
N CYS A 93 33.98 -23.49 -0.48
CA CYS A 93 34.50 -24.48 -1.40
C CYS A 93 36.01 -24.51 -1.43
N GLU A 94 36.66 -23.38 -1.15
CA GLU A 94 38.11 -23.33 -1.16
C GLU A 94 38.73 -24.08 0.02
N LYS A 95 38.02 -24.16 1.14
CA LYS A 95 38.53 -24.81 2.36
C LYS A 95 38.32 -26.32 2.37
N ASN A 96 38.43 -26.98 1.22
CA ASN A 96 38.43 -28.44 1.07
C ASN A 96 37.27 -29.17 1.75
N PRO A 97 36.04 -29.02 1.26
CA PRO A 97 34.97 -29.89 1.71
C PRO A 97 35.16 -31.31 1.23
N LYS A 98 34.51 -32.25 1.90
CA LYS A 98 34.34 -33.59 1.37
C LYS A 98 32.85 -33.90 1.25
N PRO A 99 32.32 -34.19 0.05
CA PRO A 99 32.95 -34.10 -1.27
C PRO A 99 33.24 -32.68 -1.71
N SER A 100 33.99 -32.52 -2.80
CA SER A 100 34.25 -31.19 -3.34
C SER A 100 32.99 -30.61 -3.97
N CYS A 101 33.03 -29.29 -4.20
CA CYS A 101 31.97 -28.55 -4.87
C CYS A 101 31.84 -28.89 -6.34
N LYS A 102 32.64 -29.81 -6.86
CA LYS A 102 32.33 -30.42 -8.15
C LYS A 102 31.07 -31.28 -8.07
N ASP A 103 30.73 -31.79 -6.89
CA ASP A 103 29.48 -32.52 -6.67
C ASP A 103 28.34 -31.52 -6.43
N ARG A 104 27.96 -30.83 -7.51
CA ARG A 104 27.00 -29.75 -7.39
C ARG A 104 25.64 -30.21 -6.91
N ASP A 105 25.26 -31.46 -7.19
CA ASP A 105 23.99 -31.99 -6.72
C ASP A 105 23.99 -32.20 -5.21
N TYR A 106 25.11 -32.66 -4.67
CA TYR A 106 25.20 -32.90 -3.24
C TYR A 106 25.07 -31.61 -2.44
N TYR A 107 25.46 -30.48 -3.02
CA TYR A 107 25.33 -29.17 -2.39
C TYR A 107 24.23 -28.31 -3.00
N TYR A 108 23.37 -28.87 -3.83
CA TYR A 108 22.20 -28.17 -4.38
C TYR A 108 22.59 -26.85 -5.06
N LEU A 109 23.68 -26.88 -5.82
CA LEU A 109 24.26 -25.67 -6.39
C LEU A 109 23.58 -25.27 -7.69
N GLY A 110 23.89 -24.06 -8.14
CA GLY A 110 23.35 -23.50 -9.36
C GLY A 110 24.12 -23.95 -10.59
N GLU A 111 23.80 -23.31 -11.72
CA GLU A 111 24.32 -23.68 -13.02
C GLU A 111 25.40 -22.75 -13.56
N LEU A 112 25.68 -21.64 -12.91
CA LEU A 112 26.72 -20.74 -13.41
C LEU A 112 28.12 -21.29 -13.12
N PRO A 113 29.06 -21.11 -14.04
CA PRO A 113 30.44 -21.55 -13.79
C PRO A 113 31.13 -20.74 -12.70
N TYR A 114 32.11 -21.35 -12.07
CA TYR A 114 33.03 -20.66 -11.17
C TYR A 114 34.35 -20.41 -11.88
N LEU A 115 34.78 -19.16 -11.90
CA LEU A 115 36.07 -18.82 -12.50
C LEU A 115 37.20 -19.51 -11.78
N THR A 116 38.13 -20.07 -12.54
CA THR A 116 39.40 -20.50 -12.00
C THR A 116 40.19 -19.28 -11.50
N ASN A 117 41.29 -19.56 -10.81
CA ASN A 117 42.14 -18.49 -10.30
C ASN A 117 42.74 -17.64 -11.42
N ALA A 118 43.20 -18.28 -12.49
CA ALA A 118 43.70 -17.53 -13.65
C ALA A 118 42.65 -16.60 -14.25
N GLU A 119 41.44 -17.12 -14.46
CA GLU A 119 40.37 -16.29 -14.99
C GLU A 119 40.01 -15.16 -14.05
N SER A 120 39.96 -15.43 -12.74
CA SER A 120 39.67 -14.38 -11.77
C SER A 120 40.74 -13.28 -11.81
N ILE A 121 42.01 -13.68 -11.84
CA ILE A 121 43.09 -12.69 -11.92
C ILE A 121 42.97 -11.82 -13.17
N ILE A 122 42.75 -12.44 -14.33
CA ILE A 122 42.60 -11.66 -15.56
C ILE A 122 41.43 -10.68 -15.45
N TYR A 123 40.28 -11.17 -14.99
CA TYR A 123 39.08 -10.35 -14.88
C TYR A 123 39.29 -9.17 -13.94
N GLU A 124 39.87 -9.43 -12.78
CA GLU A 124 40.11 -8.39 -11.78
C GLU A 124 41.16 -7.38 -12.22
N VAL A 125 42.25 -7.84 -12.83
CA VAL A 125 43.26 -6.92 -13.34
C VAL A 125 42.70 -5.99 -14.41
N ILE A 126 41.95 -6.53 -15.38
CA ILE A 126 41.39 -5.67 -16.42
C ILE A 126 40.42 -4.66 -15.85
N THR A 127 39.48 -5.11 -15.02
CA THR A 127 38.49 -4.19 -14.49
C THR A 127 39.12 -3.15 -13.56
N LEU A 128 40.13 -3.52 -12.79
CA LEU A 128 40.81 -2.55 -11.95
C LEU A 128 41.60 -1.53 -12.75
N ALA A 129 42.20 -1.93 -13.87
CA ALA A 129 42.90 -0.96 -14.72
C ALA A 129 41.96 0.11 -15.28
N ILE A 130 40.82 -0.33 -15.84
CA ILE A 130 39.86 0.65 -16.33
C ILE A 130 39.27 1.50 -15.22
N LEU A 131 39.06 0.91 -14.03
CA LEU A 131 38.59 1.69 -12.90
C LEU A 131 39.60 2.75 -12.43
N LEU A 132 40.90 2.41 -12.40
CA LEU A 132 41.90 3.43 -12.08
C LEU A 132 41.91 4.57 -13.08
N VAL A 133 41.79 4.26 -14.37
CA VAL A 133 41.68 5.33 -15.36
C VAL A 133 40.48 6.21 -15.05
N HIS A 134 39.30 5.62 -14.94
CA HIS A 134 38.10 6.42 -14.71
C HIS A 134 38.18 7.25 -13.44
N THR A 135 38.83 6.73 -12.39
CA THR A 135 38.90 7.44 -11.12
C THR A 135 39.94 8.55 -11.08
N PHE A 136 40.98 8.49 -11.90
CA PHE A 136 42.00 9.52 -11.86
C PHE A 136 41.99 10.46 -13.05
N PHE A 137 41.33 10.10 -14.15
CA PHE A 137 41.21 10.99 -15.29
C PHE A 137 40.60 12.35 -14.95
N PRO A 138 39.67 12.48 -14.00
CA PRO A 138 39.15 13.82 -13.67
C PRO A 138 40.20 14.85 -13.26
N ILE A 139 41.37 14.44 -12.82
CA ILE A 139 42.45 15.37 -12.50
C ILE A 139 42.98 16.04 -13.75
N SER A 140 42.46 15.69 -14.93
CA SER A 140 42.80 16.43 -16.14
C SER A 140 42.01 17.72 -16.29
N TYR A 141 40.79 17.79 -15.78
CA TYR A 141 39.96 18.98 -15.93
C TYR A 141 39.66 19.67 -14.61
N GLU A 142 39.38 18.94 -13.54
CA GLU A 142 39.60 19.46 -12.21
C GLU A 142 41.11 19.58 -11.99
N GLY A 143 41.52 20.62 -11.28
CA GLY A 143 42.88 20.68 -10.79
C GLY A 143 43.16 19.71 -9.67
N SER A 144 44.44 19.62 -9.33
CA SER A 144 44.87 18.72 -8.26
C SER A 144 44.19 19.03 -6.93
N ARG A 145 44.29 20.27 -6.46
CA ARG A 145 43.66 20.63 -5.19
C ARG A 145 42.15 20.49 -5.26
N ILE A 146 41.55 20.81 -6.40
CA ILE A 146 40.11 20.62 -6.56
C ILE A 146 39.75 19.15 -6.51
N PHE A 147 40.55 18.28 -7.14
CA PHE A 147 40.33 16.85 -7.11
C PHE A 147 40.44 16.28 -5.69
N TRP A 148 41.55 16.54 -5.02
CA TRP A 148 41.83 15.90 -3.74
C TRP A 148 40.99 16.42 -2.59
N THR A 149 40.27 17.53 -2.77
CA THR A 149 39.34 18.01 -1.76
C THR A 149 37.91 17.51 -1.95
N SER A 150 37.60 16.88 -3.08
CA SER A 150 36.27 16.29 -3.27
C SER A 150 36.13 15.02 -2.43
N ARG A 151 35.15 15.01 -1.55
CA ARG A 151 34.83 13.84 -0.74
C ARG A 151 34.52 12.61 -1.58
N LEU A 152 33.77 12.78 -2.68
CA LEU A 152 33.47 11.65 -3.56
C LEU A 152 34.73 11.02 -4.13
N ASN A 153 35.66 11.84 -4.59
CA ASN A 153 36.93 11.33 -5.09
C ASN A 153 37.70 10.57 -4.01
N LEU A 154 37.71 11.08 -2.78
CA LEU A 154 38.42 10.39 -1.71
C LEU A 154 37.82 9.02 -1.39
N VAL A 155 36.50 8.91 -1.36
CA VAL A 155 35.86 7.62 -1.16
C VAL A 155 36.14 6.66 -2.31
N LYS A 156 36.09 7.15 -3.54
CA LYS A 156 36.44 6.31 -4.68
C LYS A 156 37.90 5.85 -4.64
N VAL A 157 38.82 6.74 -4.27
CA VAL A 157 40.23 6.35 -4.13
C VAL A 157 40.42 5.31 -3.03
N ALA A 158 39.71 5.45 -1.92
CA ALA A 158 39.74 4.41 -0.89
C ALA A 158 39.22 3.07 -1.41
N CYS A 159 38.16 3.07 -2.20
CA CYS A 159 37.68 1.82 -2.78
C CYS A 159 38.68 1.21 -3.75
N VAL A 160 39.26 2.01 -4.64
CA VAL A 160 40.21 1.44 -5.60
C VAL A 160 41.47 0.92 -4.90
N VAL A 161 41.93 1.60 -3.84
CA VAL A 161 43.10 1.07 -3.14
C VAL A 161 42.76 -0.21 -2.37
N ILE A 162 41.55 -0.35 -1.87
CA ILE A 162 41.14 -1.62 -1.28
C ILE A 162 41.08 -2.74 -2.32
N LEU A 163 40.51 -2.47 -3.50
CA LEU A 163 40.54 -3.47 -4.56
C LEU A 163 41.95 -3.81 -5.02
N PHE A 164 42.84 -2.82 -5.10
CA PHE A 164 44.23 -3.10 -5.45
C PHE A 164 44.92 -4.01 -4.43
N VAL A 165 44.71 -3.75 -3.14
CA VAL A 165 45.24 -4.62 -2.11
C VAL A 165 44.64 -6.02 -2.19
N ASP A 166 43.32 -6.12 -2.30
CA ASP A 166 42.66 -7.41 -2.42
C ASP A 166 43.06 -8.19 -3.68
N VAL A 167 43.42 -7.51 -4.76
CA VAL A 167 44.01 -8.19 -5.90
C VAL A 167 45.41 -8.69 -5.59
N LEU A 168 46.27 -7.80 -5.08
CA LEU A 168 47.67 -8.14 -4.85
C LEU A 168 47.81 -9.28 -3.85
N VAL A 169 46.98 -9.28 -2.80
CA VAL A 169 47.05 -10.26 -1.72
C VAL A 169 46.62 -11.66 -2.15
N ASP A 170 46.21 -11.83 -3.40
CA ASP A 170 46.00 -13.17 -3.92
C ASP A 170 46.65 -13.44 -5.27
N PHE A 171 47.06 -12.41 -6.01
CA PHE A 171 48.16 -12.58 -6.95
C PHE A 171 49.43 -13.02 -6.24
N LEU A 172 49.50 -12.81 -4.93
CA LEU A 172 50.56 -13.37 -4.10
C LEU A 172 50.71 -14.89 -4.27
N TYR A 173 49.62 -15.61 -4.49
CA TYR A 173 49.74 -17.07 -4.58
C TYR A 173 50.50 -17.49 -5.82
N PRO A 183 39.73 -14.97 6.71
CA PRO A 183 38.45 -15.44 7.24
C PRO A 183 37.28 -15.08 6.33
N PHE A 184 37.41 -13.96 5.63
CA PHE A 184 36.42 -13.50 4.68
C PHE A 184 37.11 -12.60 3.67
N ARG A 185 36.40 -12.33 2.57
CA ARG A 185 36.90 -11.50 1.49
C ARG A 185 36.09 -10.21 1.40
N ILE A 186 36.80 -9.09 1.30
CA ILE A 186 36.20 -7.76 1.32
C ILE A 186 35.74 -7.29 -0.07
N ALA A 187 36.43 -7.72 -1.12
CA ALA A 187 36.18 -7.24 -2.49
C ALA A 187 34.72 -7.20 -2.90
N PRO A 188 33.91 -8.23 -2.71
CA PRO A 188 32.52 -8.17 -3.20
C PRO A 188 31.70 -7.02 -2.63
N TYR A 189 32.00 -6.57 -1.43
CA TYR A 189 31.34 -5.38 -0.87
C TYR A 189 31.82 -4.09 -1.54
N VAL A 190 33.13 -3.94 -1.70
CA VAL A 190 33.70 -2.76 -2.31
C VAL A 190 33.27 -2.61 -3.76
N ARG A 191 33.10 -3.72 -4.47
CA ARG A 191 32.55 -3.65 -5.83
C ARG A 191 31.13 -3.08 -5.87
N VAL A 192 30.29 -3.43 -4.91
CA VAL A 192 28.95 -2.85 -4.87
C VAL A 192 29.01 -1.37 -4.50
N ILE A 193 29.87 -1.00 -3.56
CA ILE A 193 30.03 0.42 -3.24
C ILE A 193 30.53 1.22 -4.44
N ILE A 194 31.52 0.69 -5.16
CA ILE A 194 32.00 1.33 -6.40
C ILE A 194 30.88 1.48 -7.41
N PHE A 195 30.04 0.47 -7.57
CA PHE A 195 28.93 0.56 -8.50
C PHE A 195 27.93 1.64 -8.09
N ILE A 196 27.55 1.69 -6.82
CA ILE A 196 26.71 2.77 -6.33
C ILE A 196 27.33 4.13 -6.61
N LEU A 197 28.60 4.30 -6.28
CA LEU A 197 29.29 5.57 -6.48
C LEU A 197 29.46 5.94 -7.94
N SER A 198 29.36 4.99 -8.86
CA SER A 198 29.61 5.28 -10.26
C SER A 198 28.37 5.66 -11.05
N ILE A 199 27.18 5.51 -10.49
CA ILE A 199 25.94 5.93 -11.15
C ILE A 199 25.33 7.07 -10.34
N ARG A 200 25.16 8.22 -10.99
CA ARG A 200 24.65 9.43 -10.34
C ARG A 200 23.29 9.21 -9.68
N GLU A 201 22.36 8.57 -10.39
CA GLU A 201 21.04 8.33 -9.83
C GLU A 201 21.06 7.42 -8.60
N LEU A 202 22.05 6.54 -8.47
CA LEU A 202 22.16 5.76 -7.25
C LEU A 202 22.71 6.57 -6.09
N ARG A 203 23.73 7.38 -6.32
CA ARG A 203 24.17 8.31 -5.29
C ARG A 203 23.01 9.21 -4.84
N ASP A 204 22.26 9.75 -5.80
CA ASP A 204 21.09 10.56 -5.49
C ASP A 204 20.09 9.81 -4.63
N THR A 205 19.78 8.57 -4.97
CA THR A 205 18.84 7.79 -4.16
C THR A 205 19.35 7.57 -2.75
N LEU A 206 20.65 7.34 -2.57
CA LEU A 206 21.18 7.16 -1.22
C LEU A 206 21.20 8.45 -0.41
N VAL A 207 21.56 9.58 -1.01
CA VAL A 207 21.45 10.84 -0.28
C VAL A 207 20.00 11.19 0.05
N LEU A 208 19.06 10.88 -0.84
CA LEU A 208 17.64 10.99 -0.52
C LEU A 208 17.26 10.11 0.67
N LEU A 209 17.66 8.84 0.64
CA LEU A 209 17.33 7.91 1.72
C LEU A 209 17.93 8.34 3.06
N SER A 210 19.13 8.91 3.05
CA SER A 210 19.75 9.39 4.28
C SER A 210 18.95 10.50 4.97
N GLY A 211 18.10 11.21 4.24
CA GLY A 211 17.20 12.17 4.88
C GLY A 211 15.99 11.54 5.53
N MET A 212 15.56 10.39 5.03
CA MET A 212 14.40 9.68 5.58
C MET A 212 14.72 8.88 6.86
N LEU A 213 15.98 8.52 7.08
CA LEU A 213 16.34 7.58 8.13
C LEU A 213 15.93 8.04 9.52
N GLY A 214 16.11 9.31 9.84
CA GLY A 214 15.78 9.79 11.17
C GLY A 214 14.33 9.58 11.55
N THR A 215 13.41 10.01 10.69
CA THR A 215 11.99 9.78 10.92
C THR A 215 11.61 8.30 10.87
N TYR A 216 12.30 7.50 10.05
CA TYR A 216 12.05 6.05 10.02
C TYR A 216 12.36 5.35 11.35
N LEU A 217 13.46 5.68 12.00
CA LEU A 217 13.77 5.09 13.30
C LEU A 217 12.78 5.45 14.41
N ASN A 218 12.11 6.59 14.30
CA ASN A 218 11.05 6.91 15.25
C ASN A 218 9.86 5.97 15.13
N ILE A 219 9.38 5.74 13.92
CA ILE A 219 8.23 4.85 13.79
C ILE A 219 8.63 3.39 14.03
N LEU A 220 9.88 3.01 13.78
CA LEU A 220 10.34 1.70 14.25
C LEU A 220 10.30 1.59 15.77
N ALA A 221 10.55 2.68 16.49
CA ALA A 221 10.42 2.62 17.95
C ALA A 221 8.99 2.30 18.40
N LEU A 222 8.00 2.92 17.77
CA LEU A 222 6.61 2.62 18.09
C LEU A 222 6.20 1.23 17.62
N TRP A 223 6.70 0.78 16.48
CA TRP A 223 6.44 -0.58 16.03
C TRP A 223 7.00 -1.63 16.99
N MET A 224 8.22 -1.45 17.47
CA MET A 224 8.75 -2.36 18.48
C MET A 224 7.95 -2.31 19.78
N LEU A 225 7.57 -1.12 20.22
CA LEU A 225 6.73 -1.02 21.42
C LEU A 225 5.39 -1.76 21.25
N PHE A 226 4.77 -1.64 20.08
CA PHE A 226 3.56 -2.39 19.77
C PHE A 226 3.78 -3.90 19.81
N LEU A 227 4.85 -4.39 19.18
CA LEU A 227 5.12 -5.83 19.23
C LEU A 227 5.36 -6.30 20.66
N LEU A 228 6.17 -5.58 21.43
CA LEU A 228 6.49 -6.01 22.79
C LEU A 228 5.25 -6.06 23.67
N PHE A 229 4.39 -5.05 23.58
CA PHE A 229 3.19 -5.04 24.42
C PHE A 229 2.17 -6.10 23.99
N ALA A 230 1.92 -6.22 22.70
CA ALA A 230 1.02 -7.27 22.22
C ALA A 230 1.52 -8.67 22.56
N SER A 231 2.84 -8.90 22.43
CA SER A 231 3.40 -10.19 22.79
C SER A 231 3.33 -10.45 24.28
N TRP A 232 3.41 -9.41 25.11
CA TRP A 232 3.26 -9.62 26.54
C TRP A 232 1.84 -10.03 26.90
N ILE A 233 0.84 -9.35 26.33
CA ILE A 233 -0.54 -9.76 26.54
C ILE A 233 -0.76 -11.19 26.07
N ALA A 234 -0.33 -11.52 24.85
CA ALA A 234 -0.48 -12.87 24.34
C ALA A 234 0.17 -13.92 25.24
N PHE A 235 1.38 -13.63 25.72
CA PHE A 235 2.07 -14.57 26.60
C PHE A 235 1.32 -14.81 27.91
N VAL A 236 0.93 -13.74 28.60
CA VAL A 236 0.26 -13.94 29.89
C VAL A 236 -1.15 -14.50 29.72
N MET A 237 -1.79 -14.25 28.58
CA MET A 237 -3.14 -14.75 28.35
C MET A 237 -3.21 -16.25 28.08
N PHE A 238 -2.17 -16.84 27.49
CA PHE A 238 -2.19 -18.23 27.07
C PHE A 238 -1.31 -19.15 27.92
N GLU A 239 -0.81 -18.67 29.05
CA GLU A 239 0.36 -19.27 29.68
C GLU A 239 0.16 -20.75 30.00
N ASP A 240 -0.98 -21.11 30.58
CA ASP A 240 -1.26 -22.52 30.90
C ASP A 240 -2.12 -23.25 29.87
N THR A 241 -2.33 -22.68 28.70
CA THR A 241 -3.11 -23.32 27.65
C THR A 241 -2.23 -24.17 26.74
N GLN A 242 -2.88 -24.92 25.85
CA GLN A 242 -2.15 -25.62 24.79
C GLN A 242 -1.41 -24.66 23.87
N GLN A 243 -1.94 -23.45 23.68
CA GLN A 243 -1.18 -22.42 22.98
C GLN A 243 0.09 -22.07 23.74
N GLY A 244 0.00 -21.99 25.05
CA GLY A 244 1.19 -21.79 25.87
C GLY A 244 2.15 -22.97 25.83
N LEU A 245 1.63 -24.19 26.01
CA LEU A 245 2.46 -25.38 26.07
C LEU A 245 3.13 -25.74 24.75
N THR A 246 2.63 -25.27 23.61
CA THR A 246 3.13 -25.72 22.32
C THR A 246 3.62 -24.60 21.40
N VAL A 247 3.29 -23.34 21.65
CA VAL A 247 3.72 -22.26 20.76
C VAL A 247 4.31 -21.11 21.56
N PHE A 248 3.54 -20.56 22.49
CA PHE A 248 3.95 -19.41 23.30
C PHE A 248 4.63 -19.86 24.60
N THR A 249 5.66 -20.69 24.42
CA THR A 249 6.32 -21.36 25.55
C THR A 249 7.17 -20.40 26.39
N SER A 250 7.56 -19.26 25.84
CA SER A 250 8.30 -18.25 26.58
C SER A 250 7.97 -16.90 25.97
N TYR A 251 8.36 -15.83 26.67
CA TYR A 251 8.15 -14.50 26.12
C TYR A 251 8.90 -14.30 24.80
N GLY A 252 10.14 -14.77 24.71
CA GLY A 252 10.87 -14.65 23.46
C GLY A 252 10.27 -15.44 22.31
N ALA A 253 9.83 -16.66 22.58
CA ALA A 253 9.10 -17.44 21.58
C ALA A 253 7.82 -16.74 21.15
N THR A 254 7.10 -16.17 22.11
CA THR A 254 5.89 -15.41 21.78
C THR A 254 6.21 -14.22 20.89
N LEU A 255 7.20 -13.41 21.27
CA LEU A 255 7.57 -12.25 20.47
C LEU A 255 7.99 -12.63 19.06
N TYR A 256 8.78 -13.69 18.91
CA TYR A 256 9.14 -14.19 17.58
C TYR A 256 7.93 -14.59 16.74
N GLN A 257 7.02 -15.36 17.32
CA GLN A 257 5.82 -15.78 16.59
C GLN A 257 4.90 -14.60 16.28
N MET A 258 4.73 -13.69 17.22
CA MET A 258 3.91 -12.51 17.00
C MET A 258 4.50 -11.56 15.95
N PHE A 259 5.82 -11.47 15.87
CA PHE A 259 6.44 -10.73 14.77
C PHE A 259 6.16 -11.36 13.41
N ILE A 260 6.29 -12.68 13.31
CA ILE A 260 5.91 -13.31 12.04
C ILE A 260 4.43 -13.09 11.76
N LEU A 261 3.59 -13.13 12.77
CA LEU A 261 2.17 -12.89 12.55
C LEU A 261 1.88 -11.45 12.15
N PHE A 262 2.70 -10.50 12.60
CA PHE A 262 2.64 -9.16 12.07
C PHE A 262 2.85 -9.17 10.57
N THR A 263 3.73 -10.06 10.09
CA THR A 263 3.85 -10.17 8.64
C THR A 263 2.67 -10.90 7.99
N THR A 264 1.76 -11.47 8.77
CA THR A 264 0.67 -12.35 8.33
C THR A 264 1.12 -13.70 7.78
N SER A 265 2.42 -13.92 7.65
CA SER A 265 2.88 -15.07 6.86
C SER A 265 2.57 -16.41 7.52
N ASN A 266 2.39 -16.45 8.84
CA ASN A 266 1.99 -17.66 9.57
C ASN A 266 0.53 -17.68 10.01
N ASN A 267 -0.32 -16.83 9.44
CA ASN A 267 -1.76 -16.88 9.69
C ASN A 267 -2.43 -17.96 8.84
N PRO A 268 -3.36 -18.76 9.41
CA PRO A 268 -3.76 -18.96 10.81
C PRO A 268 -2.92 -19.95 11.61
N ASP A 269 -1.95 -20.56 10.95
CA ASP A 269 -1.14 -21.66 11.47
C ASP A 269 -0.72 -21.50 12.94
N VAL A 270 -0.30 -20.30 13.32
CA VAL A 270 0.24 -20.09 14.65
C VAL A 270 -0.77 -20.19 15.78
N TRP A 271 -2.05 -19.98 15.53
CA TRP A 271 -3.04 -19.92 16.59
C TRP A 271 -4.12 -21.01 16.48
N ILE A 272 -3.89 -22.02 15.65
CA ILE A 272 -4.80 -23.17 15.61
C ILE A 272 -4.96 -23.87 16.95
N PRO A 273 -3.90 -24.07 17.76
CA PRO A 273 -4.11 -24.71 19.07
C PRO A 273 -5.00 -23.92 20.02
N ALA A 274 -4.92 -22.59 19.99
CA ALA A 274 -5.84 -21.76 20.74
C ALA A 274 -7.27 -21.95 20.26
N TYR A 275 -7.46 -21.96 18.95
CA TYR A 275 -8.79 -22.10 18.37
C TYR A 275 -9.38 -23.48 18.65
N LYS A 276 -8.55 -24.52 18.66
CA LYS A 276 -9.01 -25.83 19.11
C LYS A 276 -9.39 -25.81 20.59
N SER A 277 -8.66 -25.04 21.40
CA SER A 277 -8.98 -24.98 22.82
C SER A 277 -10.24 -24.15 23.08
N SER A 278 -10.41 -23.05 22.36
CA SER A 278 -11.60 -22.21 22.52
C SER A 278 -11.74 -21.32 21.30
N ARG A 279 -12.95 -21.29 20.73
CA ARG A 279 -13.19 -20.50 19.54
C ARG A 279 -13.09 -19.00 19.82
N TRP A 280 -13.39 -18.58 21.05
CA TRP A 280 -13.25 -17.17 21.43
C TRP A 280 -11.83 -16.65 21.32
N SER A 281 -10.82 -17.52 21.38
CA SER A 281 -9.44 -17.11 21.17
C SER A 281 -9.24 -16.38 19.86
N SER A 282 -10.04 -16.71 18.85
CA SER A 282 -9.95 -16.04 17.56
C SER A 282 -10.12 -14.53 17.66
N VAL A 283 -10.92 -14.04 18.60
CA VAL A 283 -11.12 -12.60 18.74
C VAL A 283 -9.82 -11.86 19.05
N PHE A 284 -8.96 -12.44 19.89
CA PHE A 284 -7.66 -11.82 20.14
C PHE A 284 -6.82 -11.68 18.87
N PHE A 285 -6.69 -12.76 18.12
CA PHE A 285 -5.84 -12.74 16.93
C PHE A 285 -6.44 -11.92 15.81
N VAL A 286 -7.77 -11.93 15.68
CA VAL A 286 -8.46 -11.03 14.76
C VAL A 286 -8.14 -9.58 15.08
N LEU A 287 -8.33 -9.16 16.34
CA LEU A 287 -8.02 -7.77 16.68
C LEU A 287 -6.55 -7.44 16.45
N TYR A 288 -5.65 -8.35 16.86
CA TYR A 288 -4.23 -8.10 16.66
C TYR A 288 -3.88 -7.90 15.20
N VAL A 289 -4.33 -8.81 14.32
CA VAL A 289 -3.98 -8.69 12.91
C VAL A 289 -4.66 -7.48 12.26
N LEU A 290 -5.92 -7.22 12.62
CA LEU A 290 -6.60 -6.03 12.11
C LEU A 290 -5.84 -4.75 12.45
N ILE A 291 -5.47 -4.58 13.72
CA ILE A 291 -4.72 -3.38 14.10
C ILE A 291 -3.36 -3.37 13.43
N GLY A 292 -2.61 -4.46 13.53
CA GLY A 292 -1.26 -4.48 13.01
C GLY A 292 -1.17 -4.20 11.52
N VAL A 293 -2.05 -4.79 10.73
CA VAL A 293 -2.00 -4.53 9.30
C VAL A 293 -2.60 -3.17 8.98
N TYR A 294 -3.90 -2.99 9.25
CA TYR A 294 -4.63 -1.86 8.68
C TYR A 294 -4.40 -0.54 9.39
N PHE A 295 -3.91 -0.54 10.62
CA PHE A 295 -3.49 0.70 11.23
C PHE A 295 -1.97 0.85 11.09
N VAL A 296 -1.21 -0.02 11.74
CA VAL A 296 0.23 0.20 11.90
C VAL A 296 0.97 0.14 10.56
N THR A 297 0.70 -0.87 9.71
CA THR A 297 1.41 -0.93 8.44
C THR A 297 1.09 0.25 7.53
N ASN A 298 -0.18 0.65 7.48
CA ASN A 298 -0.55 1.80 6.66
C ASN A 298 0.01 3.12 7.20
N LEU A 299 0.08 3.29 8.52
CA LEU A 299 0.74 4.49 9.05
C LEU A 299 2.25 4.51 8.82
N ILE A 300 2.90 3.35 8.81
CA ILE A 300 4.31 3.30 8.40
C ILE A 300 4.47 3.72 6.94
N LEU A 301 3.60 3.22 6.08
CA LEU A 301 3.62 3.66 4.68
C LEU A 301 3.40 5.17 4.56
N ALA A 302 2.46 5.72 5.31
CA ALA A 302 2.21 7.15 5.29
C ALA A 302 3.42 7.98 5.75
N VAL A 303 4.08 7.57 6.82
CA VAL A 303 5.29 8.25 7.28
C VAL A 303 6.40 8.20 6.23
N VAL A 304 6.61 7.04 5.63
CA VAL A 304 7.61 6.93 4.56
C VAL A 304 7.26 7.80 3.37
N TYR A 305 6.00 7.81 2.97
CA TYR A 305 5.56 8.63 1.85
C TYR A 305 5.78 10.13 2.10
N ASP A 306 5.39 10.64 3.27
CA ASP A 306 5.64 12.04 3.57
C ASP A 306 7.11 12.41 3.57
N SER A 307 7.95 11.56 4.18
CA SER A 307 9.39 11.85 4.17
C SER A 307 9.98 11.82 2.76
N PHE A 308 9.57 10.85 1.95
CA PHE A 308 9.98 10.79 0.56
C PHE A 308 9.61 12.07 -0.20
N LYS A 309 8.39 12.57 -0.02
CA LYS A 309 8.01 13.82 -0.68
C LYS A 309 8.90 15.00 -0.27
N GLU A 310 9.20 15.12 1.02
CA GLU A 310 10.06 16.21 1.47
C GLU A 310 11.48 16.12 0.86
N GLN A 311 12.00 14.91 0.75
CA GLN A 311 13.34 14.77 0.19
C GLN A 311 13.37 14.94 -1.33
N LEU A 312 12.35 14.46 -2.03
CA LEU A 312 12.29 14.69 -3.47
C LEU A 312 12.16 16.17 -3.81
N ALA A 313 11.39 16.92 -3.00
CA ALA A 313 11.33 18.36 -3.17
C ALA A 313 12.69 19.02 -3.00
N LYS A 314 13.47 18.55 -2.01
CA LYS A 314 14.82 19.09 -1.83
C LYS A 314 15.75 18.77 -3.00
N GLN A 315 15.59 17.60 -3.60
CA GLN A 315 16.35 17.23 -4.78
C GLN A 315 16.02 18.10 -6.00
N VAL A 316 14.73 18.25 -6.30
CA VAL A 316 14.34 19.10 -7.43
C VAL A 316 14.81 20.54 -7.23
N SER A 317 14.73 21.06 -6.02
CA SER A 317 15.28 22.39 -5.74
C SER A 317 16.76 22.49 -6.05
N GLY A 318 17.55 21.48 -5.68
CA GLY A 318 18.97 21.52 -6.03
C GLY A 318 19.24 21.48 -7.53
N MET A 319 18.44 20.69 -8.27
CA MET A 319 18.57 20.69 -9.72
C MET A 319 18.25 22.06 -10.34
N ASP A 320 17.23 22.75 -9.81
CA ASP A 320 16.95 24.11 -10.27
C ASP A 320 18.09 25.08 -9.95
N GLN A 321 18.76 24.91 -8.82
CA GLN A 321 19.92 25.76 -8.55
C GLN A 321 21.06 25.49 -9.54
N MET A 322 21.30 24.24 -9.90
CA MET A 322 22.29 23.95 -10.94
C MET A 322 21.95 24.64 -12.26
N LYS A 323 20.68 24.55 -12.67
CA LYS A 323 20.23 25.21 -13.88
C LYS A 323 20.47 26.72 -13.85
N ARG A 324 20.12 27.36 -12.74
CA ARG A 324 20.39 28.80 -12.60
C ARG A 324 21.88 29.13 -12.64
N ARG A 325 22.72 28.34 -11.97
CA ARG A 325 24.16 28.61 -12.05
C ARG A 325 24.67 28.57 -13.49
N MET A 326 24.17 27.62 -14.28
CA MET A 326 24.58 27.57 -15.68
C MET A 326 24.10 28.79 -16.48
N LEU A 327 22.84 29.18 -16.30
CA LEU A 327 22.36 30.39 -16.98
C LEU A 327 23.13 31.64 -16.56
N GLU A 328 23.50 31.73 -15.29
CA GLU A 328 24.29 32.87 -14.83
C GLU A 328 25.71 32.89 -15.40
N LYS A 329 26.34 31.74 -15.61
CA LYS A 329 27.61 31.77 -16.35
C LYS A 329 27.43 32.04 -17.84
N ALA A 330 26.31 31.65 -18.44
CA ALA A 330 26.05 32.09 -19.81
C ALA A 330 25.98 33.62 -19.90
N PHE A 331 25.27 34.24 -18.97
CA PHE A 331 25.26 35.70 -18.90
C PHE A 331 26.66 36.26 -18.64
N GLY A 332 27.41 35.65 -17.73
CA GLY A 332 28.76 36.11 -17.45
C GLY A 332 29.73 35.92 -18.59
N LEU A 333 29.38 35.10 -19.58
CA LEU A 333 30.16 35.06 -20.81
C LEU A 333 29.74 36.15 -21.80
N ILE A 334 28.44 36.43 -21.89
CA ILE A 334 28.03 37.50 -22.80
C ILE A 334 28.49 38.86 -22.27
N ASP A 335 28.18 39.16 -21.01
CA ASP A 335 28.59 40.40 -20.36
C ASP A 335 30.04 40.31 -19.87
N SER A 336 30.94 39.99 -20.79
CA SER A 336 32.35 39.86 -20.45
C SER A 336 32.98 41.20 -20.08
N ASP A 337 32.34 42.31 -20.42
CA ASP A 337 32.74 43.62 -19.92
C ASP A 337 32.22 43.89 -18.51
N LYS A 338 31.42 42.98 -17.96
CA LYS A 338 30.87 43.11 -16.62
C LYS A 338 30.13 44.44 -16.47
N ASN A 339 29.39 44.79 -17.52
CA ASN A 339 28.53 45.97 -17.47
C ASN A 339 27.48 45.83 -16.38
N GLY A 340 27.01 44.60 -16.19
CA GLY A 340 25.72 44.35 -15.58
C GLY A 340 24.56 44.39 -16.55
N GLU A 341 24.83 44.27 -17.85
CA GLU A 341 23.87 44.66 -18.86
C GLU A 341 24.07 43.81 -20.12
N ILE A 342 23.00 43.66 -20.88
CA ILE A 342 23.05 43.32 -22.30
C ILE A 342 22.08 44.23 -23.03
N ASP A 343 22.48 44.68 -24.22
CA ASP A 343 21.61 45.54 -25.03
C ASP A 343 20.95 44.73 -26.14
N LYS A 344 19.98 45.37 -26.80
CA LYS A 344 19.17 44.69 -27.80
C LYS A 344 20.00 44.08 -28.92
N ASN A 345 21.10 44.71 -29.31
CA ASN A 345 21.95 44.12 -30.35
C ASN A 345 22.59 42.83 -29.88
N GLN A 346 23.10 42.81 -28.64
CA GLN A 346 23.59 41.58 -28.06
C GLN A 346 22.48 40.56 -27.91
N CYS A 347 21.28 41.00 -27.53
CA CYS A 347 20.22 40.05 -27.28
C CYS A 347 19.75 39.37 -28.57
N ILE A 348 19.56 40.12 -29.65
CA ILE A 348 19.25 39.49 -30.94
C ILE A 348 20.41 38.67 -31.49
N LYS A 349 21.65 39.06 -31.19
CA LYS A 349 22.79 38.23 -31.57
C LYS A 349 22.78 36.88 -30.85
N LEU A 350 22.43 36.85 -29.57
CA LEU A 350 22.18 35.57 -28.91
C LEU A 350 20.96 34.87 -29.48
N PHE A 351 19.90 35.63 -29.75
CA PHE A 351 18.64 35.05 -30.23
C PHE A 351 18.83 34.27 -31.52
N GLU A 352 19.66 34.77 -32.44
CA GLU A 352 19.97 33.98 -33.62
C GLU A 352 20.73 32.71 -33.28
N GLN A 353 21.76 32.81 -32.44
CA GLN A 353 22.57 31.65 -32.10
C GLN A 353 21.78 30.59 -31.36
N LEU A 354 20.68 30.98 -30.73
CA LEU A 354 19.74 30.01 -30.16
C LEU A 354 18.77 29.49 -31.21
N THR A 355 17.94 30.36 -31.76
CA THR A 355 16.79 29.92 -32.54
C THR A 355 17.15 29.41 -33.92
N ASN A 356 18.36 29.67 -34.41
CA ASN A 356 18.80 29.16 -35.71
C ASN A 356 19.74 27.96 -35.58
N TYR A 357 19.95 27.45 -34.36
CA TYR A 357 20.84 26.30 -34.21
C TYR A 357 20.33 25.25 -33.24
N ARG A 358 19.60 25.62 -32.18
CA ARG A 358 19.27 24.71 -31.12
C ARG A 358 17.78 24.71 -30.79
N THR A 359 17.00 25.57 -31.44
CA THR A 359 15.54 25.50 -31.35
C THR A 359 14.89 26.30 -32.47
N PHE A 381 15.26 48.14 -23.86
CA PHE A 381 15.15 46.71 -24.11
C PHE A 381 16.20 45.92 -23.34
N LYS A 382 16.96 46.62 -22.49
CA LYS A 382 18.08 46.00 -21.80
C LYS A 382 17.60 44.86 -20.90
N ILE A 383 18.51 43.93 -20.63
CA ILE A 383 18.24 42.76 -19.81
C ILE A 383 19.30 42.63 -18.73
N ASN A 384 18.95 41.91 -17.67
CA ASN A 384 19.76 41.78 -16.47
C ASN A 384 19.87 40.30 -16.08
N LYS A 385 20.67 40.06 -15.04
CA LYS A 385 21.02 38.69 -14.63
C LYS A 385 19.79 37.81 -14.40
N ASP A 386 18.76 38.33 -13.75
CA ASP A 386 17.54 37.55 -13.53
C ASP A 386 16.60 37.58 -14.72
N GLU A 387 16.51 38.71 -15.41
CA GLU A 387 15.63 38.81 -16.57
C GLU A 387 16.05 37.84 -17.66
N PHE A 388 17.36 37.67 -17.86
CA PHE A 388 17.84 36.68 -18.81
C PHE A 388 17.32 35.29 -18.48
N ALA A 389 17.45 34.88 -17.22
CA ALA A 389 17.07 33.53 -16.84
C ALA A 389 15.57 33.31 -16.95
N ASP A 390 14.77 34.31 -16.57
CA ASP A 390 13.34 34.20 -16.77
C ASP A 390 12.99 34.11 -18.24
N LEU A 391 13.54 35.01 -19.05
CA LEU A 391 13.21 35.02 -20.47
C LEU A 391 13.57 33.70 -21.13
N CYS A 392 14.77 33.18 -20.86
CA CYS A 392 15.19 31.93 -21.50
C CYS A 392 14.36 30.75 -21.03
N GLN A 393 14.08 30.64 -19.73
CA GLN A 393 13.25 29.53 -19.28
C GLN A 393 11.83 29.62 -19.82
N ALA A 394 11.30 30.84 -19.99
CA ALA A 394 10.02 31.01 -20.66
C ALA A 394 10.06 30.58 -22.11
N ILE A 395 11.15 30.91 -22.81
CA ILE A 395 11.34 30.46 -24.19
C ILE A 395 11.38 28.94 -24.25
N ALA A 396 12.07 28.31 -23.30
CA ALA A 396 12.05 26.84 -23.20
C ALA A 396 10.63 26.31 -22.99
N LEU A 397 9.85 26.96 -22.13
CA LEU A 397 8.50 26.51 -21.85
C LEU A 397 7.59 26.62 -23.08
N ARG A 398 7.45 27.84 -23.61
CA ARG A 398 6.38 28.11 -24.58
C ARG A 398 6.80 27.95 -26.03
N PHE A 399 8.08 28.10 -26.34
CA PHE A 399 8.52 28.26 -27.73
C PHE A 399 9.47 27.17 -28.20
N GLN A 400 10.37 26.69 -27.36
CA GLN A 400 11.37 25.74 -27.82
C GLN A 400 10.72 24.47 -28.34
N LYS A 401 11.22 24.02 -29.49
CA LYS A 401 10.96 22.70 -30.02
C LYS A 401 12.20 22.32 -30.81
N GLU A 402 12.89 21.29 -30.34
CA GLU A 402 14.26 21.03 -30.78
C GLU A 402 14.35 20.82 -32.29
N GLU A 403 15.37 21.42 -32.88
CA GLU A 403 15.69 21.18 -34.28
C GLU A 403 16.29 19.79 -34.45
N VAL A 404 16.16 19.25 -35.66
CA VAL A 404 16.83 18.00 -36.03
C VAL A 404 18.33 18.25 -36.15
N PRO A 405 19.17 17.26 -35.82
CA PRO A 405 20.59 17.34 -36.18
C PRO A 405 20.86 17.23 -37.69
N SER A 406 22.13 17.30 -38.07
CA SER A 406 22.52 17.17 -39.46
C SER A 406 22.17 15.81 -40.04
N LEU A 407 21.88 15.80 -41.34
CA LEU A 407 21.54 14.60 -42.08
C LEU A 407 20.49 13.75 -41.37
N ARG A 428 7.93 8.37 -43.14
CA ARG A 428 7.82 9.35 -42.08
C ARG A 428 6.38 9.84 -41.87
N SER A 429 5.55 9.75 -42.90
CA SER A 429 4.19 10.20 -42.77
C SER A 429 3.42 9.33 -41.77
N PRO A 430 2.37 9.88 -41.15
CA PRO A 430 1.63 9.12 -40.12
C PRO A 430 1.09 7.77 -40.58
N ASN A 431 0.81 7.62 -41.88
CA ASN A 431 0.40 6.32 -42.41
C ASN A 431 1.50 5.26 -42.28
N PHE A 432 2.76 5.64 -42.15
CA PHE A 432 3.80 4.66 -41.85
C PHE A 432 3.56 4.01 -40.50
N GLY A 433 3.17 4.80 -39.50
CA GLY A 433 2.80 4.23 -38.20
C GLY A 433 1.61 3.29 -38.28
N TYR A 434 0.60 3.65 -39.08
CA TYR A 434 -0.54 2.76 -39.29
C TYR A 434 -0.11 1.48 -39.99
N ALA A 435 0.76 1.59 -40.99
CA ALA A 435 1.23 0.41 -41.69
C ALA A 435 1.96 -0.55 -40.76
N ILE A 436 2.93 -0.05 -39.99
CA ILE A 436 3.62 -0.94 -39.07
C ILE A 436 2.71 -1.48 -37.96
N SER A 437 1.71 -0.70 -37.53
CA SER A 437 0.75 -1.24 -36.56
C SER A 437 -0.08 -2.39 -37.14
N PHE A 438 -0.51 -2.27 -38.40
CA PHE A 438 -1.19 -3.37 -39.07
C PHE A 438 -0.27 -4.58 -39.26
N ILE A 439 0.98 -4.34 -39.61
CA ILE A 439 1.91 -5.46 -39.80
C ILE A 439 2.15 -6.21 -38.48
N LEU A 440 2.39 -5.48 -37.39
CA LEU A 440 2.61 -6.17 -36.11
C LEU A 440 1.35 -6.82 -35.54
N ILE A 441 0.14 -6.30 -35.81
CA ILE A 441 -1.06 -7.04 -35.41
C ILE A 441 -1.27 -8.27 -36.27
N ILE A 442 -0.99 -8.18 -37.57
CA ILE A 442 -1.00 -9.39 -38.40
C ILE A 442 -0.02 -10.42 -37.88
N ASN A 443 1.17 -9.97 -37.46
CA ASN A 443 2.14 -10.88 -36.89
C ASN A 443 1.62 -11.53 -35.61
N PHE A 444 0.86 -10.79 -34.82
CA PHE A 444 0.33 -11.36 -33.58
C PHE A 444 -0.71 -12.44 -33.85
N ILE A 445 -1.66 -12.15 -34.74
CA ILE A 445 -2.64 -13.19 -35.12
C ILE A 445 -1.98 -14.38 -35.82
N ALA A 446 -0.91 -14.16 -36.58
CA ALA A 446 -0.13 -15.26 -37.10
C ALA A 446 0.50 -16.10 -35.99
N VAL A 447 1.07 -15.45 -34.98
CA VAL A 447 1.68 -16.19 -33.88
C VAL A 447 0.64 -17.00 -33.13
N VAL A 448 -0.51 -16.40 -32.83
CA VAL A 448 -1.51 -17.15 -32.08
C VAL A 448 -2.00 -18.37 -32.87
N VAL A 449 -2.34 -18.18 -34.14
CA VAL A 449 -2.80 -19.34 -34.92
C VAL A 449 -1.70 -20.35 -35.17
N GLU A 450 -0.43 -19.93 -35.15
CA GLU A 450 0.69 -20.87 -35.21
C GLU A 450 0.89 -21.67 -33.93
N THR A 451 0.81 -21.03 -32.77
CA THR A 451 0.93 -21.77 -31.50
C THR A 451 -0.21 -22.74 -31.27
N THR A 452 -1.43 -22.40 -31.70
CA THR A 452 -2.50 -23.38 -31.63
C THR A 452 -2.49 -24.38 -32.78
N LEU A 453 -1.52 -24.28 -33.69
CA LEU A 453 -1.33 -25.28 -34.76
C LEU A 453 -2.62 -25.49 -35.55
N ASN A 454 -3.24 -24.40 -35.96
CA ASN A 454 -4.48 -24.48 -36.74
C ASN A 454 -4.20 -25.08 -38.12
N TRP A 464 5.20 -20.57 -39.48
CA TRP A 464 5.90 -20.65 -40.75
C TRP A 464 7.18 -19.83 -40.73
N GLN A 465 8.30 -20.53 -40.89
CA GLN A 465 9.61 -19.89 -40.79
C GLN A 465 9.79 -18.82 -41.85
N VAL A 466 9.17 -18.99 -43.03
CA VAL A 466 9.24 -17.95 -44.06
C VAL A 466 8.44 -16.72 -43.65
N ALA A 467 7.35 -16.89 -42.91
CA ALA A 467 6.60 -15.73 -42.41
C ALA A 467 7.37 -15.01 -41.30
N GLU A 468 7.92 -15.76 -40.35
CA GLU A 468 8.75 -15.14 -39.33
C GLU A 468 9.96 -14.43 -39.93
N PHE A 469 10.56 -15.02 -40.96
CA PHE A 469 11.66 -14.37 -41.68
C PHE A 469 11.21 -13.07 -42.38
N VAL A 470 10.08 -13.11 -43.10
CA VAL A 470 9.64 -11.91 -43.80
C VAL A 470 9.25 -10.80 -42.83
N PHE A 471 8.61 -11.12 -41.70
CA PHE A 471 8.37 -10.09 -40.69
C PHE A 471 9.66 -9.56 -40.09
N GLY A 472 10.63 -10.42 -39.78
CA GLY A 472 11.91 -9.94 -39.30
C GLY A 472 12.61 -9.02 -40.28
N TRP A 473 12.49 -9.32 -41.57
CA TRP A 473 12.97 -8.43 -42.61
C TRP A 473 12.23 -7.10 -42.61
N ILE A 474 10.90 -7.13 -42.50
CA ILE A 474 10.15 -5.88 -42.44
C ILE A 474 10.58 -5.03 -41.24
N TYR A 475 10.81 -5.66 -40.09
CA TYR A 475 11.23 -4.91 -38.91
C TYR A 475 12.62 -4.29 -39.06
N VAL A 476 13.56 -5.00 -39.68
CA VAL A 476 14.86 -4.39 -39.94
C VAL A 476 14.78 -3.34 -41.04
N LEU A 477 13.89 -3.51 -42.01
CA LEU A 477 13.72 -2.49 -43.03
C LEU A 477 13.10 -1.22 -42.47
N GLU A 478 12.13 -1.37 -41.56
CA GLU A 478 11.61 -0.22 -40.80
C GLU A 478 12.70 0.48 -40.01
N MET A 479 13.52 -0.27 -39.27
CA MET A 479 14.64 0.33 -38.55
C MET A 479 15.56 1.11 -39.47
N ALA A 480 15.98 0.51 -40.58
CA ALA A 480 16.88 1.18 -41.52
C ALA A 480 16.23 2.40 -42.17
N LEU A 481 14.93 2.32 -42.48
CA LEU A 481 14.23 3.46 -43.06
C LEU A 481 14.14 4.61 -42.06
N LYS A 482 13.76 4.32 -40.82
CA LYS A 482 13.63 5.39 -39.83
C LYS A 482 14.98 6.03 -39.49
N ILE A 483 16.04 5.23 -39.34
CA ILE A 483 17.36 5.82 -39.12
C ILE A 483 17.85 6.60 -40.33
N TYR A 484 17.38 6.27 -41.53
CA TYR A 484 17.70 7.09 -42.69
C TYR A 484 16.91 8.41 -42.69
N THR A 485 15.60 8.36 -42.43
CA THR A 485 14.77 9.56 -42.55
C THR A 485 15.09 10.59 -41.46
N TYR A 486 15.41 10.15 -40.24
CA TYR A 486 15.67 11.08 -39.15
C TYR A 486 17.14 11.22 -38.79
N GLY A 487 17.98 10.25 -39.15
CA GLY A 487 19.33 10.17 -38.60
C GLY A 487 19.37 9.59 -37.20
N PHE A 488 20.40 8.78 -36.94
CA PHE A 488 20.48 8.05 -35.68
C PHE A 488 20.52 8.99 -34.48
N GLU A 489 21.20 10.12 -34.60
CA GLU A 489 21.28 11.06 -33.48
C GLU A 489 19.91 11.60 -33.09
N ASN A 490 18.98 11.71 -34.04
CA ASN A 490 17.61 12.07 -33.72
C ASN A 490 16.78 10.85 -33.37
N TYR A 491 16.90 9.79 -34.16
CA TYR A 491 16.14 8.57 -33.94
C TYR A 491 16.32 8.06 -32.51
N TRP A 492 17.57 7.84 -32.10
CA TRP A 492 17.87 7.19 -30.83
C TRP A 492 17.37 7.95 -29.61
N ARG A 493 16.96 9.21 -29.76
CA ARG A 493 16.50 9.97 -28.60
C ARG A 493 15.18 9.46 -28.02
N GLU A 494 14.33 8.84 -28.83
CA GLU A 494 13.07 8.32 -28.29
C GLU A 494 13.29 7.05 -27.48
N GLY A 495 12.62 6.97 -26.33
CA GLY A 495 12.70 5.80 -25.48
C GLY A 495 12.16 4.54 -26.12
N ALA A 496 11.20 4.67 -27.03
CA ALA A 496 10.60 3.51 -27.69
C ALA A 496 11.54 2.93 -28.74
N ASN A 497 11.93 3.75 -29.72
CA ASN A 497 12.59 3.20 -30.89
C ASN A 497 13.98 2.68 -30.57
N ARG A 498 14.62 3.18 -29.51
CA ARG A 498 15.88 2.58 -29.09
C ARG A 498 15.73 1.15 -28.58
N PHE A 499 14.60 0.85 -27.92
CA PHE A 499 14.28 -0.54 -27.58
C PHE A 499 13.93 -1.34 -28.82
N ASP A 500 13.13 -0.76 -29.72
CA ASP A 500 12.81 -1.47 -30.96
C ASP A 500 14.08 -1.81 -31.74
N PHE A 501 15.01 -0.87 -31.82
CA PHE A 501 16.32 -1.08 -32.42
C PHE A 501 17.08 -2.21 -31.73
N LEU A 502 17.14 -2.19 -30.40
CA LEU A 502 17.85 -3.23 -29.68
C LEU A 502 17.28 -4.61 -29.96
N VAL A 503 15.96 -4.78 -29.81
CA VAL A 503 15.37 -6.09 -30.06
C VAL A 503 15.43 -6.50 -31.53
N THR A 504 15.40 -5.56 -32.46
CA THR A 504 15.58 -5.91 -33.86
C THR A 504 17.01 -6.38 -34.15
N TRP A 505 18.00 -5.72 -33.56
CA TRP A 505 19.38 -6.17 -33.69
C TRP A 505 19.57 -7.57 -33.10
N VAL A 506 19.07 -7.80 -31.89
CA VAL A 506 19.14 -9.13 -31.29
C VAL A 506 18.40 -10.17 -32.14
N ILE A 507 17.30 -9.78 -32.77
CA ILE A 507 16.62 -10.66 -33.73
C ILE A 507 17.55 -11.02 -34.89
N VAL A 508 18.09 -10.02 -35.58
CA VAL A 508 18.81 -10.32 -36.81
C VAL A 508 20.12 -11.04 -36.51
N ILE A 509 20.78 -10.74 -35.39
CA ILE A 509 21.93 -11.55 -35.00
C ILE A 509 21.49 -12.93 -34.53
N GLY A 510 20.22 -13.10 -34.14
CA GLY A 510 19.68 -14.42 -33.86
C GLY A 510 19.41 -15.26 -35.09
N GLU A 511 19.42 -14.65 -36.28
CA GLU A 511 19.32 -15.41 -37.52
C GLU A 511 20.65 -16.08 -37.87
N THR A 512 21.18 -16.88 -36.93
CA THR A 512 22.50 -17.48 -37.14
C THR A 512 22.46 -18.61 -38.15
N ALA A 513 21.28 -19.12 -38.49
CA ALA A 513 21.15 -20.23 -39.44
C ALA A 513 21.67 -19.80 -40.81
N GLY A 527 15.80 -19.67 -34.66
CA GLY A 527 15.29 -20.69 -33.76
C GLY A 527 13.91 -20.36 -33.22
N GLU A 528 13.31 -21.33 -32.53
CA GLU A 528 11.94 -21.17 -32.08
C GLU A 528 11.78 -20.08 -31.03
N TRP A 529 12.86 -19.68 -30.36
CA TRP A 529 12.78 -18.66 -29.33
C TRP A 529 12.46 -17.27 -29.87
N ILE A 530 12.67 -17.03 -31.17
CA ILE A 530 12.42 -15.71 -31.74
C ILE A 530 10.96 -15.29 -31.57
N ARG A 531 10.06 -16.25 -31.37
CA ARG A 531 8.67 -15.93 -31.07
C ARG A 531 8.55 -14.89 -29.96
N TYR A 532 9.32 -15.07 -28.88
CA TYR A 532 9.24 -14.16 -27.75
C TYR A 532 9.85 -12.80 -28.05
N LEU A 533 10.86 -12.73 -28.92
CA LEU A 533 11.41 -11.42 -29.28
C LEU A 533 10.46 -10.64 -30.18
N LEU A 534 9.81 -11.34 -31.12
CA LEU A 534 8.82 -10.66 -31.94
C LEU A 534 7.62 -10.23 -31.12
N LEU A 535 7.18 -11.02 -30.15
CA LEU A 535 6.14 -10.52 -29.25
C LEU A 535 6.62 -9.43 -28.29
N ALA A 536 7.93 -9.38 -27.98
CA ALA A 536 8.48 -8.23 -27.27
C ALA A 536 8.40 -6.95 -28.09
N ARG A 537 8.53 -7.05 -29.41
CA ARG A 537 8.17 -5.92 -30.26
C ARG A 537 6.66 -5.68 -30.28
N MET A 538 5.87 -6.75 -30.31
CA MET A 538 4.41 -6.64 -30.32
C MET A 538 3.87 -5.87 -29.12
N LEU A 539 4.58 -5.95 -27.99
CA LEU A 539 4.19 -5.15 -26.81
C LEU A 539 3.96 -3.68 -27.13
N ARG A 540 4.62 -3.13 -28.14
CA ARG A 540 4.37 -1.74 -28.53
C ARG A 540 2.91 -1.47 -28.86
N LEU A 541 2.16 -2.47 -29.29
CA LEU A 541 0.74 -2.30 -29.56
C LEU A 541 -0.04 -1.75 -28.36
N ILE A 542 0.43 -2.02 -27.13
CA ILE A 542 -0.26 -1.51 -25.94
C ILE A 542 -0.32 0.02 -25.89
N ARG A 543 0.61 0.70 -26.55
CA ARG A 543 0.54 2.16 -26.61
C ARG A 543 -0.73 2.67 -27.30
N LEU A 544 -1.32 1.89 -28.19
CA LEU A 544 -2.57 2.29 -28.82
C LEU A 544 -3.73 2.39 -27.84
N LEU A 545 -3.66 1.74 -26.68
CA LEU A 545 -4.64 1.97 -25.62
C LEU A 545 -4.54 3.33 -24.94
N MET A 546 -3.47 4.07 -25.14
CA MET A 546 -3.48 5.48 -24.73
C MET A 546 -4.43 6.32 -25.57
N ASN A 547 -4.81 5.86 -26.75
CA ASN A 547 -5.88 6.49 -27.50
C ASN A 547 -7.25 6.25 -26.89
N VAL A 548 -7.35 5.33 -25.94
CA VAL A 548 -8.59 5.07 -25.22
C VAL A 548 -8.53 5.85 -23.91
N GLN A 549 -9.31 6.91 -23.82
CA GLN A 549 -9.16 7.88 -22.74
C GLN A 549 -9.31 7.24 -21.37
N ARG A 550 -10.18 6.24 -21.24
CA ARG A 550 -10.33 5.55 -19.96
C ARG A 550 -9.10 4.78 -19.55
N TYR A 551 -8.15 4.53 -20.45
CA TYR A 551 -6.92 3.82 -20.14
C TYR A 551 -5.68 4.68 -20.22
N ARG A 552 -5.79 5.92 -20.70
CA ARG A 552 -4.61 6.72 -21.03
C ARG A 552 -3.70 6.88 -19.81
N ALA A 553 -4.25 7.37 -18.70
CA ALA A 553 -3.42 7.67 -17.54
C ALA A 553 -2.72 6.43 -16.99
N PHE A 554 -3.41 5.29 -16.98
CA PHE A 554 -2.81 4.05 -16.51
C PHE A 554 -1.62 3.65 -17.37
N ILE A 555 -1.83 3.53 -18.68
CA ILE A 555 -0.76 3.10 -19.59
C ILE A 555 0.38 4.12 -19.63
N ALA A 556 0.05 5.41 -19.68
CA ALA A 556 1.06 6.45 -19.68
C ALA A 556 1.90 6.43 -18.42
N THR A 557 1.28 6.21 -17.26
CA THR A 557 2.04 6.10 -16.03
C THR A 557 2.93 4.87 -16.02
N PHE A 558 2.42 3.72 -16.45
CA PHE A 558 3.24 2.53 -16.54
C PHE A 558 4.47 2.74 -17.43
N ILE A 559 4.28 3.38 -18.58
CA ILE A 559 5.38 3.66 -19.49
C ILE A 559 6.39 4.62 -18.87
N THR A 560 5.92 5.66 -18.18
CA THR A 560 6.88 6.54 -17.54
C THR A 560 7.59 5.88 -16.36
N LEU A 561 6.92 4.96 -15.67
CA LEU A 561 7.52 4.27 -14.54
C LEU A 561 8.66 3.34 -14.96
N ILE A 562 8.57 2.76 -16.15
CA ILE A 562 9.60 1.80 -16.57
C ILE A 562 11.01 2.38 -16.43
N PRO A 563 11.34 3.54 -17.00
CA PRO A 563 12.65 4.15 -16.73
C PRO A 563 12.81 4.75 -15.34
N SER A 564 11.81 5.48 -14.84
CA SER A 564 12.00 6.32 -13.66
C SER A 564 12.10 5.56 -12.35
N LEU A 565 11.62 4.31 -12.28
CA LEU A 565 11.87 3.46 -11.11
C LEU A 565 13.25 2.82 -11.07
N MET A 566 14.03 2.85 -12.14
CA MET A 566 15.30 2.13 -12.15
C MET A 566 16.26 2.52 -11.03
N PRO A 567 16.36 3.77 -10.60
CA PRO A 567 17.23 4.07 -9.44
C PRO A 567 16.83 3.36 -8.15
N TYR A 568 15.53 3.23 -7.90
CA TYR A 568 15.01 2.60 -6.70
C TYR A 568 15.12 1.08 -6.76
N LEU A 569 14.68 0.49 -7.86
CA LEU A 569 14.89 -0.94 -8.06
C LEU A 569 16.37 -1.30 -8.02
N GLY A 570 17.23 -0.48 -8.61
CA GLY A 570 18.67 -0.70 -8.53
C GLY A 570 19.25 -0.57 -7.13
N THR A 571 18.73 0.34 -6.32
CA THR A 571 19.14 0.39 -4.92
C THR A 571 18.73 -0.88 -4.16
N ILE A 572 17.51 -1.34 -4.39
CA ILE A 572 17.10 -2.62 -3.81
C ILE A 572 18.01 -3.75 -4.27
N PHE A 573 18.37 -3.77 -5.56
CA PHE A 573 19.32 -4.76 -6.06
C PHE A 573 20.69 -4.70 -5.39
N CYS A 574 21.22 -3.51 -5.13
CA CYS A 574 22.49 -3.41 -4.41
C CYS A 574 22.39 -3.88 -2.96
N VAL A 575 21.26 -3.61 -2.30
CA VAL A 575 21.05 -4.15 -0.97
C VAL A 575 20.99 -5.67 -0.98
N LEU A 576 20.25 -6.23 -1.94
CA LEU A 576 20.24 -7.68 -2.12
C LEU A 576 21.64 -8.24 -2.35
N CYS A 577 22.45 -7.56 -3.16
CA CYS A 577 23.82 -8.02 -3.40
C CYS A 577 24.66 -8.09 -2.12
N ILE A 578 24.54 -7.07 -1.27
CA ILE A 578 25.28 -7.09 -0.01
C ILE A 578 24.79 -8.20 0.91
N TYR A 579 23.47 -8.31 1.08
CA TYR A 579 22.93 -9.39 1.89
C TYR A 579 23.29 -10.76 1.34
N CYS A 580 23.33 -10.92 0.02
CA CYS A 580 23.73 -12.18 -0.57
C CYS A 580 25.16 -12.55 -0.21
N SER A 581 26.08 -11.59 -0.36
CA SER A 581 27.46 -11.85 0.03
C SER A 581 27.59 -12.22 1.50
N ILE A 582 26.88 -11.52 2.39
CA ILE A 582 26.86 -11.91 3.80
C ILE A 582 26.31 -13.32 3.99
N GLY A 583 25.18 -13.62 3.35
CA GLY A 583 24.57 -14.94 3.51
C GLY A 583 25.46 -16.07 3.07
N VAL A 584 26.10 -15.94 1.91
CA VAL A 584 27.04 -16.96 1.47
C VAL A 584 28.22 -17.07 2.41
N GLN A 585 28.65 -15.95 3.00
CA GLN A 585 29.73 -16.02 3.98
C GLN A 585 29.33 -16.77 5.24
N VAL A 586 28.12 -16.54 5.75
CA VAL A 586 27.73 -17.09 7.05
C VAL A 586 26.94 -18.40 6.96
N PHE A 587 26.20 -18.62 5.88
CA PHE A 587 25.35 -19.81 5.73
C PHE A 587 25.84 -20.79 4.69
N GLY A 588 26.91 -20.49 3.97
CA GLY A 588 27.36 -21.37 2.91
C GLY A 588 27.82 -22.73 3.37
N GLY A 589 27.37 -23.77 2.66
CA GLY A 589 27.72 -25.15 2.93
C GLY A 589 26.87 -25.87 3.95
N LEU A 590 25.94 -25.19 4.61
CA LEU A 590 25.12 -25.85 5.63
C LEU A 590 24.03 -26.72 5.02
N VAL A 591 23.45 -26.29 3.90
CA VAL A 591 22.48 -27.10 3.17
C VAL A 591 23.25 -28.06 2.27
N ASN A 592 23.43 -29.29 2.73
CA ASN A 592 24.06 -30.33 1.96
C ASN A 592 23.41 -31.67 2.30
N ALA A 593 23.49 -32.61 1.35
CA ALA A 593 22.77 -33.87 1.44
C ALA A 593 23.22 -34.76 2.59
N GLY A 594 24.36 -34.48 3.19
CA GLY A 594 24.80 -35.22 4.35
C GLY A 594 24.45 -34.61 5.69
N ASN A 595 23.70 -33.50 5.72
CA ASN A 595 23.54 -32.76 6.96
C ASN A 595 22.70 -33.51 7.98
N LYS A 596 21.73 -34.30 7.53
CA LYS A 596 20.89 -35.11 8.39
C LYS A 596 19.93 -34.31 9.26
N LYS A 597 20.39 -33.19 9.81
CA LYS A 597 19.48 -32.26 10.48
C LYS A 597 18.61 -31.50 9.49
N LEU A 598 19.14 -31.24 8.30
CA LEU A 598 18.40 -30.58 7.22
C LEU A 598 17.06 -31.24 6.93
N PHE A 599 17.00 -32.57 6.93
CA PHE A 599 15.80 -33.29 6.56
C PHE A 599 14.74 -33.29 7.64
N GLU A 600 14.93 -32.46 8.66
CA GLU A 600 13.95 -32.19 9.70
C GLU A 600 13.51 -30.73 9.69
N THR A 601 13.92 -29.94 8.69
CA THR A 601 14.08 -28.50 8.85
C THR A 601 13.00 -27.64 8.21
N GLU A 602 11.91 -28.22 7.73
CA GLU A 602 10.91 -27.51 6.93
C GLU A 602 11.36 -27.06 5.55
N LEU A 603 12.58 -26.54 5.41
CA LEU A 603 13.13 -26.30 4.08
C LEU A 603 13.11 -27.57 3.24
N ALA A 604 13.41 -28.71 3.88
CA ALA A 604 13.39 -30.02 3.23
C ALA A 604 11.97 -30.53 3.03
N GLU A 605 11.03 -30.11 3.85
CA GLU A 605 9.66 -30.60 3.76
C GLU A 605 8.86 -29.82 2.74
N ASP A 606 9.13 -28.53 2.58
CA ASP A 606 8.50 -27.69 1.57
C ASP A 606 9.16 -27.84 0.21
N ASP A 607 10.22 -28.65 0.10
CA ASP A 607 10.99 -28.86 -1.13
C ASP A 607 11.76 -27.63 -1.59
N TYR A 608 12.24 -26.81 -0.67
CA TYR A 608 12.89 -25.55 -0.98
C TYR A 608 14.41 -25.66 -1.03
N LEU A 609 14.95 -26.88 -1.11
CA LEU A 609 16.40 -27.08 -0.95
C LEU A 609 17.24 -26.38 -2.01
N LEU A 610 16.69 -26.08 -3.19
CA LEU A 610 17.44 -25.29 -4.16
C LEU A 610 17.52 -23.80 -3.81
N PHE A 611 16.63 -23.31 -2.95
CA PHE A 611 16.68 -21.93 -2.47
C PHE A 611 17.57 -21.86 -1.22
N ASN A 612 18.87 -21.80 -1.46
CA ASN A 612 19.87 -21.87 -0.41
C ASN A 612 20.93 -20.80 -0.65
N PHE A 613 21.82 -20.64 0.35
CA PHE A 613 22.92 -19.69 0.30
C PHE A 613 24.27 -20.33 0.00
N ASN A 614 24.30 -21.46 -0.71
CA ASN A 614 25.57 -22.08 -1.06
C ASN A 614 26.31 -21.35 -2.17
N ASP A 615 25.63 -20.47 -2.89
CA ASP A 615 26.16 -19.85 -4.09
C ASP A 615 25.51 -18.49 -4.26
N TYR A 616 26.19 -17.60 -4.97
CA TYR A 616 25.68 -16.23 -5.14
C TYR A 616 24.38 -16.17 -5.92
N PRO A 617 24.26 -16.78 -7.10
CA PRO A 617 22.93 -16.82 -7.76
C PRO A 617 21.85 -17.51 -6.93
N ASN A 618 22.20 -18.57 -6.22
CA ASN A 618 21.25 -19.20 -5.31
C ASN A 618 20.80 -18.21 -4.23
N GLY A 619 21.75 -17.47 -3.68
CA GLY A 619 21.42 -16.46 -2.71
C GLY A 619 20.51 -15.38 -3.26
N MET A 620 20.81 -14.90 -4.47
CA MET A 620 19.98 -13.87 -5.09
C MET A 620 18.53 -14.34 -5.28
N VAL A 621 18.32 -15.55 -5.80
CA VAL A 621 16.94 -16.03 -5.96
C VAL A 621 16.28 -16.27 -4.60
N THR A 622 17.02 -16.75 -3.62
CA THR A 622 16.48 -16.86 -2.27
C THR A 622 16.04 -15.52 -1.71
N LEU A 623 16.90 -14.50 -1.83
CA LEU A 623 16.54 -13.17 -1.36
C LEU A 623 15.39 -12.55 -2.13
N PHE A 624 15.23 -12.90 -3.41
CA PHE A 624 14.01 -12.52 -4.11
C PHE A 624 12.77 -13.16 -3.48
N ASN A 625 12.83 -14.45 -3.16
CA ASN A 625 11.71 -15.07 -2.46
C ASN A 625 11.45 -14.44 -1.11
N LEU A 626 12.48 -13.99 -0.41
CA LEU A 626 12.29 -13.27 0.84
C LEU A 626 11.63 -11.91 0.61
N LEU A 627 12.10 -11.17 -0.40
CA LEU A 627 11.52 -9.89 -0.76
C LEU A 627 10.03 -10.01 -1.11
N VAL A 628 9.64 -11.12 -1.73
CA VAL A 628 8.22 -11.36 -2.02
C VAL A 628 7.43 -11.81 -0.80
N MET A 629 8.10 -12.13 0.32
CA MET A 629 7.43 -12.47 1.57
C MET A 629 6.59 -13.75 1.53
N GLY A 630 6.52 -14.42 0.39
CA GLY A 630 5.82 -15.69 0.33
C GLY A 630 6.56 -16.78 1.09
N ASN A 631 5.94 -17.28 2.16
CA ASN A 631 6.50 -18.35 3.00
C ASN A 631 7.86 -18.00 3.59
N TRP A 632 8.17 -16.71 3.71
CA TRP A 632 9.53 -16.26 3.98
C TRP A 632 10.10 -16.84 5.28
N GLN A 633 9.28 -17.09 6.28
CA GLN A 633 9.76 -17.62 7.56
C GLN A 633 10.25 -19.06 7.50
N VAL A 634 10.02 -19.78 6.40
CA VAL A 634 10.60 -21.10 6.24
C VAL A 634 12.13 -21.03 6.31
N TRP A 635 12.73 -20.19 5.46
CA TRP A 635 14.18 -20.00 5.48
C TRP A 635 14.71 -19.55 6.85
N MET A 636 14.04 -18.59 7.48
CA MET A 636 14.48 -18.14 8.79
C MET A 636 14.51 -19.27 9.82
N GLU A 637 13.44 -20.04 9.90
CA GLU A 637 13.37 -21.13 10.88
C GLU A 637 14.33 -22.26 10.54
N SER A 638 14.47 -22.57 9.25
CA SER A 638 15.39 -23.62 8.84
C SER A 638 16.85 -23.26 9.13
N TYR A 639 17.28 -22.06 8.77
CA TYR A 639 18.65 -21.68 9.07
C TYR A 639 18.89 -21.47 10.56
N LYS A 640 17.88 -21.05 11.32
CA LYS A 640 17.99 -21.09 12.77
C LYS A 640 18.30 -22.49 13.27
N ASP A 641 17.61 -23.50 12.73
CA ASP A 641 17.87 -24.89 13.13
C ASP A 641 19.22 -25.41 12.64
N LEU A 642 19.62 -25.05 11.42
CA LEU A 642 20.90 -25.48 10.87
C LEU A 642 22.09 -24.83 11.58
N THR A 643 21.96 -23.60 12.05
CA THR A 643 23.04 -22.93 12.76
C THR A 643 23.02 -23.15 14.26
N GLY A 644 21.87 -23.52 14.81
CA GLY A 644 21.77 -23.77 16.23
C GLY A 644 21.84 -22.54 17.09
N THR A 645 21.55 -21.37 16.55
CA THR A 645 21.59 -20.13 17.31
C THR A 645 20.47 -19.21 16.87
N TRP A 646 19.90 -18.50 17.84
CA TRP A 646 18.92 -17.45 17.54
C TRP A 646 19.53 -16.24 16.88
N TRP A 647 20.82 -16.01 17.06
CA TRP A 647 21.49 -14.89 16.42
C TRP A 647 21.39 -14.92 14.90
N SER A 648 21.20 -16.10 14.32
CA SER A 648 20.94 -16.18 12.88
C SER A 648 19.72 -15.39 12.43
N ILE A 649 18.70 -15.23 13.28
CA ILE A 649 17.50 -14.51 12.87
C ILE A 649 17.77 -13.02 12.66
N THR A 650 18.84 -12.47 13.22
CA THR A 650 19.19 -11.07 13.00
C THR A 650 19.30 -10.76 11.52
N TYR A 651 19.84 -11.69 10.74
CA TYR A 651 19.92 -11.54 9.29
C TYR A 651 18.54 -11.31 8.66
N PHE A 652 17.59 -12.18 8.95
CA PHE A 652 16.27 -12.11 8.31
C PHE A 652 15.46 -10.94 8.82
N VAL A 653 15.52 -10.67 10.13
CA VAL A 653 14.80 -9.54 10.70
C VAL A 653 15.29 -8.23 10.13
N SER A 654 16.61 -8.03 10.09
CA SER A 654 17.14 -6.79 9.53
C SER A 654 16.84 -6.66 8.05
N PHE A 655 16.87 -7.76 7.30
CA PHE A 655 16.45 -7.69 5.90
C PHE A 655 15.00 -7.26 5.74
N TYR A 656 14.10 -7.79 6.56
CA TYR A 656 12.70 -7.35 6.52
C TYR A 656 12.56 -5.87 6.85
N VAL A 657 13.18 -5.44 7.94
CA VAL A 657 13.10 -4.05 8.38
C VAL A 657 13.65 -3.08 7.34
N ILE A 658 14.78 -3.41 6.72
CA ILE A 658 15.34 -2.51 5.71
C ILE A 658 14.51 -2.56 4.43
N THR A 659 14.33 -3.73 3.84
CA THR A 659 13.79 -3.77 2.48
C THR A 659 12.28 -3.60 2.41
N ILE A 660 11.52 -4.30 3.25
CA ILE A 660 10.06 -4.28 3.10
C ILE A 660 9.45 -3.04 3.72
N LEU A 661 9.74 -2.77 4.99
CA LEU A 661 9.08 -1.63 5.63
C LEU A 661 9.57 -0.29 5.11
N LEU A 662 10.81 -0.21 4.60
CA LEU A 662 11.28 1.03 4.01
C LEU A 662 11.25 1.06 2.47
N LEU A 663 12.05 0.25 1.79
CA LEU A 663 12.31 0.47 0.37
C LEU A 663 11.12 0.16 -0.52
N LEU A 664 10.37 -0.91 -0.22
CA LEU A 664 9.17 -1.18 -0.99
C LEU A 664 8.08 -0.16 -0.73
N ASN A 665 7.96 0.34 0.49
CA ASN A 665 7.06 1.45 0.74
C ASN A 665 7.47 2.70 -0.04
N LEU A 666 8.78 2.90 -0.21
CA LEU A 666 9.27 3.96 -1.09
C LEU A 666 8.81 3.75 -2.53
N VAL A 667 8.88 2.52 -3.02
CA VAL A 667 8.39 2.23 -4.36
C VAL A 667 6.89 2.48 -4.50
N VAL A 668 6.11 2.12 -3.49
CA VAL A 668 4.67 2.42 -3.49
C VAL A 668 4.43 3.93 -3.58
N ALA A 669 5.09 4.69 -2.71
CA ALA A 669 4.96 6.14 -2.74
C ALA A 669 5.32 6.72 -4.11
N PHE A 670 6.43 6.26 -4.69
CA PHE A 670 6.85 6.72 -6.00
C PHE A 670 5.80 6.44 -7.08
N VAL A 671 5.23 5.23 -7.08
CA VAL A 671 4.22 4.89 -8.08
C VAL A 671 2.96 5.74 -7.90
N LEU A 672 2.50 5.93 -6.67
CA LEU A 672 1.34 6.76 -6.42
C LEU A 672 1.56 8.20 -6.89
N GLU A 673 2.69 8.79 -6.51
CA GLU A 673 2.99 10.15 -6.92
C GLU A 673 3.10 10.28 -8.44
N ALA A 674 3.67 9.28 -9.11
CA ALA A 674 3.71 9.30 -10.57
C ALA A 674 2.32 9.29 -11.20
N PHE A 675 1.41 8.47 -10.67
CA PHE A 675 0.05 8.45 -11.20
C PHE A 675 -0.65 9.79 -11.02
N PHE A 676 -0.56 10.37 -9.82
CA PHE A 676 -1.19 11.67 -9.59
C PHE A 676 -0.59 12.76 -10.47
N THR A 677 0.73 12.71 -10.70
CA THR A 677 1.34 13.63 -11.66
C THR A 677 0.76 13.46 -13.06
N GLU A 678 0.51 12.24 -13.48
CA GLU A 678 -0.09 12.03 -14.80
C GLU A 678 -1.51 12.58 -14.87
N LEU A 679 -2.31 12.36 -13.83
CA LEU A 679 -3.66 12.93 -13.84
C LEU A 679 -3.63 14.45 -13.87
N ASP A 680 -2.72 15.08 -13.14
CA ASP A 680 -2.62 16.53 -13.21
C ASP A 680 -2.14 17.02 -14.58
N LEU A 681 -1.24 16.27 -15.21
CA LEU A 681 -0.82 16.61 -16.57
C LEU A 681 -1.98 16.55 -17.55
N GLU A 682 -2.76 15.47 -17.51
CA GLU A 682 -3.95 15.39 -18.35
C GLU A 682 -4.96 16.48 -18.03
N GLU A 683 -5.13 16.81 -16.75
CA GLU A 683 -6.03 17.90 -16.35
C GLU A 683 -5.55 19.25 -16.87
N GLU A 684 -4.26 19.40 -17.09
CA GLU A 684 -3.73 20.62 -17.69
C GLU A 684 -3.81 20.60 -19.21
N GLU A 685 -3.72 19.43 -19.83
CA GLU A 685 -3.74 19.36 -21.29
C GLU A 685 -5.16 19.41 -21.84
N LYS A 686 -6.13 18.87 -21.11
CA LYS A 686 -7.51 18.83 -21.57
C LYS A 686 -8.11 20.23 -21.58
N ARG B 20 -28.24 22.77 21.65
CA ARG B 20 -29.08 22.49 20.46
C ARG B 20 -30.47 22.00 20.90
N ARG B 21 -31.12 22.79 21.74
CA ARG B 21 -32.23 22.27 22.54
C ARG B 21 -33.45 21.99 21.68
N SER B 22 -34.00 20.79 21.84
CA SER B 22 -35.26 20.43 21.20
C SER B 22 -36.38 21.35 21.66
N GLU B 23 -36.34 21.79 22.92
CA GLU B 23 -37.38 22.67 23.43
C GLU B 23 -37.36 24.02 22.72
N ALA B 24 -36.17 24.54 22.44
CA ALA B 24 -36.05 25.80 21.71
C ALA B 24 -36.63 25.68 20.30
N ILE B 25 -36.30 24.61 19.58
CA ILE B 25 -36.89 24.38 18.27
C ILE B 25 -38.40 24.22 18.36
N THR B 26 -38.87 23.51 19.38
CA THR B 26 -40.29 23.16 19.44
C THR B 26 -41.17 24.32 19.92
N HIS B 27 -40.74 25.05 20.95
CA HIS B 27 -41.59 26.01 21.64
C HIS B 27 -41.09 27.44 21.60
N GLY B 28 -39.82 27.68 21.31
CA GLY B 28 -39.24 28.98 21.53
C GLY B 28 -39.81 30.06 20.63
N THR B 29 -39.58 31.30 21.07
CA THR B 29 -39.78 32.46 20.23
C THR B 29 -38.84 32.39 19.02
N PRO B 30 -39.18 33.03 17.90
CA PRO B 30 -38.35 32.86 16.70
C PRO B 30 -36.86 33.09 16.88
N PHE B 31 -36.45 34.02 17.73
CA PHE B 31 -35.01 34.20 17.97
C PHE B 31 -34.37 32.98 18.65
N GLN B 32 -35.12 32.30 19.52
CA GLN B 32 -34.62 31.06 20.09
C GLN B 32 -34.58 29.93 19.08
N LYS B 33 -35.59 29.85 18.22
CA LYS B 33 -35.55 28.88 17.12
C LYS B 33 -34.35 29.12 16.21
N ALA B 34 -34.08 30.37 15.87
CA ALA B 34 -32.94 30.70 15.03
C ALA B 34 -31.61 30.30 15.68
N ALA B 35 -31.40 30.69 16.93
CA ALA B 35 -30.19 30.28 17.62
C ALA B 35 -30.06 28.76 17.74
N ALA B 36 -31.17 28.06 17.95
CA ALA B 36 -31.12 26.62 18.01
C ALA B 36 -30.76 25.99 16.67
N LEU B 37 -31.36 26.45 15.58
CA LEU B 37 -31.00 25.91 14.27
C LEU B 37 -29.54 26.17 13.94
N VAL B 38 -29.03 27.34 14.33
CA VAL B 38 -27.61 27.62 14.14
C VAL B 38 -26.73 26.62 14.88
N ASP B 39 -27.05 26.38 16.15
CA ASP B 39 -26.24 25.45 16.92
C ASP B 39 -26.34 24.01 16.39
N LEU B 40 -27.53 23.59 15.97
CA LEU B 40 -27.66 22.31 15.29
C LEU B 40 -26.77 22.24 14.05
N ALA B 41 -26.86 23.24 13.19
CA ALA B 41 -26.11 23.19 11.93
C ALA B 41 -24.62 23.13 12.15
N GLU B 42 -24.09 23.96 13.05
CA GLU B 42 -22.65 23.96 13.28
C GLU B 42 -22.18 22.84 14.19
N ASP B 43 -23.06 22.22 14.96
CA ASP B 43 -22.75 20.91 15.54
C ASP B 43 -22.88 19.78 14.52
N GLY B 44 -23.21 20.09 13.27
CA GLY B 44 -23.24 19.10 12.22
C GLY B 44 -24.45 18.20 12.17
N ILE B 45 -25.54 18.57 12.85
CA ILE B 45 -26.77 17.78 12.84
C ILE B 45 -27.77 18.49 11.95
N GLY B 46 -28.20 17.81 10.88
CA GLY B 46 -29.27 18.32 10.03
C GLY B 46 -30.63 17.80 10.48
N LEU B 47 -31.57 18.71 10.64
CA LEU B 47 -32.97 18.34 10.56
C LEU B 47 -33.31 17.92 9.14
N PRO B 48 -34.25 16.97 8.98
CA PRO B 48 -34.64 16.57 7.63
C PRO B 48 -35.28 17.71 6.85
N VAL B 49 -35.00 17.72 5.55
CA VAL B 49 -35.55 18.76 4.67
C VAL B 49 -37.07 18.75 4.71
N GLU B 50 -37.67 17.58 4.91
CA GLU B 50 -39.12 17.45 5.05
C GLU B 50 -39.67 18.24 6.23
N ILE B 51 -38.83 18.56 7.21
CA ILE B 51 -39.19 19.47 8.28
C ILE B 51 -38.71 20.89 8.00
N LEU B 52 -37.51 21.02 7.47
CA LEU B 52 -36.89 22.31 7.26
C LEU B 52 -37.62 23.15 6.21
N ASP B 53 -38.35 22.52 5.30
CA ASP B 53 -38.99 23.22 4.19
C ASP B 53 -40.40 23.74 4.50
N GLN B 54 -40.88 23.61 5.73
CA GLN B 54 -42.26 23.97 6.06
C GLN B 54 -42.30 25.05 7.13
N SER B 55 -43.38 25.85 7.08
CA SER B 55 -43.52 26.99 7.99
C SER B 55 -43.85 26.56 9.41
N SER B 56 -44.84 25.69 9.58
CA SER B 56 -45.27 25.27 10.92
C SER B 56 -44.47 24.11 11.47
N PHE B 57 -43.15 24.11 11.25
CA PHE B 57 -42.34 22.91 11.41
C PHE B 57 -42.22 22.48 12.86
N GLY B 58 -42.58 23.33 13.82
CA GLY B 58 -42.41 22.99 15.22
C GLY B 58 -43.16 21.76 15.66
N GLU B 59 -44.41 21.61 15.22
CA GLU B 59 -45.19 20.43 15.59
C GLU B 59 -44.71 19.16 14.90
N SER B 60 -44.12 19.30 13.72
CA SER B 60 -43.42 18.19 13.09
C SER B 60 -42.13 17.86 13.82
N ALA B 61 -41.34 18.90 14.12
CA ALA B 61 -40.08 18.69 14.85
C ALA B 61 -40.28 18.04 16.22
N ARG B 62 -41.39 18.34 16.89
CA ARG B 62 -41.71 17.67 18.15
C ARG B 62 -41.55 16.15 18.05
N TYR B 63 -42.15 15.55 17.02
CA TYR B 63 -42.06 14.11 16.83
C TYR B 63 -40.67 13.65 16.43
N TYR B 64 -39.96 14.42 15.62
CA TYR B 64 -38.58 14.05 15.28
C TYR B 64 -37.68 13.93 16.50
N PHE B 65 -37.86 14.80 17.49
CA PHE B 65 -37.04 14.73 18.70
C PHE B 65 -37.39 13.52 19.59
N ILE B 66 -38.67 13.21 19.77
CA ILE B 66 -39.01 11.98 20.49
C ILE B 66 -38.56 10.74 19.72
N PHE B 67 -38.60 10.78 18.39
CA PHE B 67 -38.03 9.72 17.58
C PHE B 67 -36.54 9.53 17.84
N THR B 68 -35.78 10.61 17.83
CA THR B 68 -34.33 10.53 18.02
C THR B 68 -33.89 10.31 19.46
N ARG B 69 -34.75 10.61 20.43
CA ARG B 69 -34.48 10.23 21.81
C ARG B 69 -34.35 8.73 22.00
N LEU B 70 -35.01 7.94 21.14
CA LEU B 70 -35.05 6.49 21.21
C LEU B 70 -33.94 5.79 20.41
N ASP B 71 -32.92 6.52 19.97
CA ASP B 71 -31.89 5.94 19.10
C ASP B 71 -31.21 4.71 19.69
N LEU B 72 -31.03 4.66 21.01
CA LEU B 72 -30.46 3.46 21.63
C LEU B 72 -31.34 2.23 21.44
N ILE B 73 -32.66 2.37 21.56
CA ILE B 73 -33.57 1.24 21.33
C ILE B 73 -33.50 0.75 19.88
N TRP B 74 -33.54 1.66 18.92
CA TRP B 74 -33.46 1.26 17.51
C TRP B 74 -32.12 0.61 17.18
N SER B 75 -31.03 1.21 17.64
CA SER B 75 -29.71 0.66 17.37
C SER B 75 -29.55 -0.76 17.92
N LEU B 76 -29.97 -0.95 19.17
CA LEU B 76 -29.99 -2.29 19.74
C LEU B 76 -30.86 -3.26 18.93
N ASN B 77 -32.01 -2.81 18.43
CA ASN B 77 -32.80 -3.71 17.58
C ASN B 77 -32.08 -4.10 16.31
N TYR B 78 -31.35 -3.18 15.69
CA TYR B 78 -30.61 -3.52 14.48
C TYR B 78 -29.42 -4.43 14.72
N PHE B 79 -28.68 -4.21 15.79
CA PHE B 79 -27.60 -5.14 16.13
C PHE B 79 -28.13 -6.51 16.52
N ALA B 80 -29.26 -6.57 17.24
CA ALA B 80 -29.89 -7.86 17.50
C ALA B 80 -30.29 -8.57 16.20
N LEU B 81 -30.91 -7.84 15.28
CA LEU B 81 -31.34 -8.42 14.03
C LEU B 81 -30.17 -8.93 13.20
N LEU B 82 -29.07 -8.19 13.16
CA LEU B 82 -27.88 -8.68 12.46
C LEU B 82 -27.28 -9.90 13.15
N PHE B 83 -27.12 -9.87 14.48
CA PHE B 83 -26.50 -10.98 15.19
C PHE B 83 -27.35 -12.25 15.19
N LEU B 84 -28.64 -12.16 14.87
CA LEU B 84 -29.44 -13.37 14.73
C LEU B 84 -28.83 -14.38 13.76
N ASN B 85 -28.17 -13.91 12.70
CA ASN B 85 -27.49 -14.80 11.76
C ASN B 85 -26.47 -15.74 12.43
N PHE B 86 -25.87 -15.34 13.54
CA PHE B 86 -24.87 -16.18 14.19
C PHE B 86 -25.46 -17.34 14.99
N PHE B 87 -26.74 -17.32 15.29
CA PHE B 87 -27.37 -18.31 16.15
C PHE B 87 -28.40 -19.18 15.46
N GLU B 88 -28.65 -18.98 14.17
CA GLU B 88 -29.52 -19.87 13.43
C GLU B 88 -28.85 -21.19 13.06
N GLN B 89 -29.62 -22.27 13.13
CA GLN B 89 -29.17 -23.56 12.64
C GLN B 89 -28.93 -23.55 11.14
N PRO B 90 -27.82 -24.10 10.66
CA PRO B 90 -27.61 -24.21 9.21
C PRO B 90 -28.68 -25.07 8.53
N LEU B 91 -29.04 -24.66 7.31
CA LEU B 91 -30.13 -25.32 6.60
C LEU B 91 -29.82 -26.79 6.28
N TRP B 92 -28.56 -27.11 6.03
CA TRP B 92 -28.18 -28.51 5.81
C TRP B 92 -28.41 -29.39 7.04
N CYS B 93 -28.42 -28.80 8.25
CA CYS B 93 -28.76 -29.58 9.43
C CYS B 93 -30.25 -29.88 9.53
N GLU B 94 -31.10 -29.03 8.97
CA GLU B 94 -32.53 -29.29 9.01
C GLU B 94 -32.95 -30.46 8.12
N LYS B 95 -32.25 -30.69 7.02
CA LYS B 95 -32.57 -31.79 6.10
C LYS B 95 -31.94 -33.12 6.51
N ASN B 96 -32.12 -33.48 7.79
CA ASN B 96 -31.82 -34.78 8.39
C ASN B 96 -30.52 -35.44 7.94
N PRO B 97 -29.37 -34.90 8.32
CA PRO B 97 -28.10 -35.61 8.10
C PRO B 97 -28.01 -36.84 8.97
N LYS B 98 -27.17 -37.79 8.55
CA LYS B 98 -26.71 -38.87 9.40
C LYS B 98 -25.19 -38.82 9.52
N PRO B 99 -24.63 -38.64 10.73
CA PRO B 99 -25.26 -38.32 12.00
C PRO B 99 -25.84 -36.92 12.05
N SER B 100 -26.62 -36.61 13.08
CA SER B 100 -27.16 -35.27 13.24
C SER B 100 -26.06 -34.29 13.64
N CYS B 101 -26.39 -32.99 13.47
CA CYS B 101 -25.51 -31.90 13.85
C CYS B 101 -25.35 -31.75 15.36
N LYS B 102 -25.97 -32.61 16.17
CA LYS B 102 -25.57 -32.75 17.56
C LYS B 102 -24.14 -33.28 17.67
N ASP B 103 -23.68 -34.07 16.71
CA ASP B 103 -22.30 -34.55 16.67
C ASP B 103 -21.38 -33.46 16.12
N ARG B 104 -21.22 -32.40 16.91
CA ARG B 104 -20.47 -31.23 16.46
C ARG B 104 -19.04 -31.55 16.10
N ASP B 105 -18.43 -32.55 16.76
CA ASP B 105 -17.07 -32.94 16.41
C ASP B 105 -16.98 -33.62 15.05
N TYR B 106 -18.02 -34.35 14.66
CA TYR B 106 -18.00 -35.01 13.36
C TYR B 106 -18.07 -33.99 12.23
N TYR B 107 -18.72 -32.85 12.45
CA TYR B 107 -18.84 -31.79 11.46
C TYR B 107 -17.96 -30.59 11.73
N TYR B 108 -17.03 -30.69 12.67
CA TYR B 108 -16.08 -29.62 12.98
C TYR B 108 -16.76 -28.28 13.25
N LEU B 109 -17.87 -28.30 13.99
CA LEU B 109 -18.69 -27.12 14.20
C LEU B 109 -18.13 -26.23 15.30
N GLY B 110 -18.72 -25.05 15.43
CA GLY B 110 -18.33 -24.09 16.43
C GLY B 110 -18.99 -24.32 17.79
N GLU B 111 -18.86 -23.31 18.64
CA GLU B 111 -19.34 -23.39 20.02
C GLU B 111 -20.58 -22.57 20.32
N LEU B 112 -21.09 -21.79 19.38
CA LEU B 112 -22.31 -21.02 19.66
C LEU B 112 -23.55 -21.90 19.60
N PRO B 113 -24.53 -21.66 20.45
CA PRO B 113 -25.79 -22.41 20.39
C PRO B 113 -26.58 -22.11 19.13
N TYR B 114 -27.40 -23.09 18.73
CA TYR B 114 -28.39 -22.91 17.69
C TYR B 114 -29.77 -22.74 18.33
N LEU B 115 -30.45 -21.66 17.97
CA LEU B 115 -31.80 -21.42 18.47
C LEU B 115 -32.76 -22.50 17.98
N THR B 116 -33.60 -22.97 18.90
CA THR B 116 -34.74 -23.79 18.52
C THR B 116 -35.73 -22.96 17.71
N ASN B 117 -36.72 -23.64 17.13
CA ASN B 117 -37.79 -22.97 16.40
C ASN B 117 -38.54 -21.98 17.28
N ALA B 118 -38.89 -22.39 18.50
CA ALA B 118 -39.56 -21.48 19.43
C ALA B 118 -38.76 -20.21 19.70
N GLU B 119 -37.47 -20.37 20.00
CA GLU B 119 -36.62 -19.22 20.24
C GLU B 119 -36.48 -18.34 19.00
N SER B 120 -36.32 -18.94 17.83
CA SER B 120 -36.23 -18.16 16.60
C SER B 120 -37.50 -17.37 16.34
N ILE B 121 -38.66 -18.00 16.52
CA ILE B 121 -39.93 -17.30 16.36
C ILE B 121 -40.03 -16.10 17.31
N ILE B 122 -39.72 -16.30 18.59
CA ILE B 122 -39.78 -15.19 19.54
C ILE B 122 -38.85 -14.06 19.13
N TYR B 123 -37.60 -14.40 18.82
CA TYR B 123 -36.60 -13.41 18.43
C TYR B 123 -37.03 -12.62 17.20
N GLU B 124 -37.49 -13.32 16.17
CA GLU B 124 -37.89 -12.68 14.93
C GLU B 124 -39.14 -11.82 15.10
N VAL B 125 -40.14 -12.30 15.84
CA VAL B 125 -41.35 -11.50 16.09
C VAL B 125 -41.02 -10.21 16.83
N ILE B 126 -40.20 -10.29 17.89
CA ILE B 126 -39.84 -9.07 18.62
C ILE B 126 -39.09 -8.08 17.75
N THR B 127 -38.06 -8.55 17.05
CA THR B 127 -37.25 -7.63 16.26
C THR B 127 -38.01 -7.07 15.07
N LEU B 128 -38.94 -7.83 14.50
CA LEU B 128 -39.77 -7.30 13.43
C LEU B 128 -40.77 -6.27 13.95
N ALA B 129 -41.33 -6.46 15.14
CA ALA B 129 -42.24 -5.46 15.67
C ALA B 129 -41.55 -4.11 15.90
N ILE B 130 -40.36 -4.13 16.50
CA ILE B 130 -39.63 -2.87 16.67
C ILE B 130 -39.20 -2.28 15.32
N LEU B 131 -38.82 -3.12 14.36
CA LEU B 131 -38.48 -2.63 13.03
C LEU B 131 -39.68 -1.97 12.32
N LEU B 132 -40.87 -2.56 12.44
CA LEU B 132 -42.06 -1.92 11.87
C LEU B 132 -42.33 -0.55 12.49
N VAL B 133 -42.22 -0.45 13.83
CA VAL B 133 -42.37 0.85 14.45
C VAL B 133 -41.36 1.85 13.88
N HIS B 134 -40.08 1.49 13.90
CA HIS B 134 -39.06 2.42 13.42
C HIS B 134 -39.27 2.81 11.95
N THR B 135 -39.73 1.89 11.11
CA THR B 135 -39.89 2.19 9.70
C THR B 135 -41.14 3.00 9.37
N PHE B 136 -42.18 2.94 10.19
CA PHE B 136 -43.39 3.68 9.88
C PHE B 136 -43.62 4.91 10.75
N PHE B 137 -42.94 5.02 11.89
CA PHE B 137 -43.07 6.20 12.73
C PHE B 137 -42.73 7.51 12.02
N PRO B 138 -41.80 7.57 11.06
CA PRO B 138 -41.54 8.83 10.35
C PRO B 138 -42.75 9.45 9.66
N ILE B 139 -43.80 8.69 9.37
CA ILE B 139 -45.03 9.24 8.83
C ILE B 139 -45.74 10.12 9.86
N SER B 140 -45.19 10.25 11.06
CA SER B 140 -45.72 11.21 12.02
C SER B 140 -45.21 12.62 11.82
N TYR B 141 -44.04 12.80 11.21
CA TYR B 141 -43.49 14.14 11.01
C TYR B 141 -43.32 14.48 9.54
N GLU B 142 -42.82 13.55 8.73
CA GLU B 142 -43.12 13.60 7.31
C GLU B 142 -44.59 13.30 7.11
N GLY B 143 -45.20 13.95 6.14
CA GLY B 143 -46.53 13.55 5.73
C GLY B 143 -46.57 12.30 4.87
N SER B 144 -47.81 11.85 4.62
CA SER B 144 -48.02 10.62 3.87
C SER B 144 -47.37 10.66 2.49
N ARG B 145 -47.73 11.65 1.67
CA ARG B 145 -47.13 11.76 0.34
C ARG B 145 -45.62 11.95 0.41
N ILE B 146 -45.15 12.71 1.39
CA ILE B 146 -43.72 12.90 1.56
C ILE B 146 -43.03 11.60 1.93
N PHE B 147 -43.67 10.82 2.82
CA PHE B 147 -43.15 9.51 3.20
C PHE B 147 -43.08 8.55 2.03
N TRP B 148 -44.19 8.39 1.32
CA TRP B 148 -44.28 7.36 0.28
C TRP B 148 -43.49 7.70 -0.98
N THR B 149 -43.05 8.93 -1.16
CA THR B 149 -42.21 9.30 -2.29
C THR B 149 -40.72 9.22 -2.01
N SER B 150 -40.31 8.98 -0.77
CA SER B 150 -38.90 8.75 -0.47
C SER B 150 -38.48 7.36 -0.91
N ARG B 151 -37.45 7.29 -1.76
CA ARG B 151 -36.92 6.03 -2.23
C ARG B 151 -36.37 5.17 -1.08
N LEU B 152 -35.72 5.80 -0.09
CA LEU B 152 -35.22 5.06 1.06
C LEU B 152 -36.34 4.39 1.84
N ASN B 153 -37.43 5.10 2.08
CA ASN B 153 -38.58 4.50 2.76
C ASN B 153 -39.14 3.33 1.98
N LEU B 154 -39.24 3.46 0.66
CA LEU B 154 -39.80 2.37 -0.15
C LEU B 154 -38.93 1.11 -0.09
N VAL B 155 -37.60 1.28 -0.13
CA VAL B 155 -36.70 0.13 0.01
C VAL B 155 -36.81 -0.50 1.39
N LYS B 156 -36.89 0.33 2.43
CA LYS B 156 -37.10 -0.21 3.78
C LYS B 156 -38.43 -0.95 3.92
N VAL B 157 -39.50 -0.42 3.34
CA VAL B 157 -40.79 -1.11 3.36
C VAL B 157 -40.72 -2.45 2.61
N ALA B 158 -40.02 -2.49 1.49
CA ALA B 158 -39.79 -3.77 0.82
C ALA B 158 -39.05 -4.76 1.71
N CYS B 159 -38.01 -4.30 2.41
CA CYS B 159 -37.29 -5.20 3.32
C CYS B 159 -38.17 -5.70 4.46
N VAL B 160 -38.94 -4.82 5.09
CA VAL B 160 -39.78 -5.26 6.21
C VAL B 160 -40.89 -6.20 5.74
N VAL B 161 -41.44 -5.99 4.55
CA VAL B 161 -42.46 -6.92 4.08
C VAL B 161 -41.85 -8.27 3.70
N ILE B 162 -40.62 -8.29 3.19
CA ILE B 162 -39.94 -9.56 2.96
C ILE B 162 -39.68 -10.31 4.26
N LEU B 163 -39.22 -9.61 5.29
CA LEU B 163 -39.07 -10.26 6.60
C LEU B 163 -40.39 -10.72 7.19
N PHE B 164 -41.46 -9.95 7.04
CA PHE B 164 -42.77 -10.38 7.51
C PHE B 164 -43.23 -11.66 6.83
N VAL B 165 -43.11 -11.74 5.51
CA VAL B 165 -43.48 -12.95 4.78
C VAL B 165 -42.58 -14.13 5.16
N ASP B 166 -41.27 -13.90 5.30
CA ASP B 166 -40.38 -14.97 5.74
C ASP B 166 -40.70 -15.47 7.15
N VAL B 167 -41.07 -14.58 8.06
CA VAL B 167 -41.56 -15.01 9.37
C VAL B 167 -42.84 -15.83 9.23
N LEU B 168 -43.81 -15.30 8.50
CA LEU B 168 -45.12 -15.94 8.39
C LEU B 168 -45.02 -17.34 7.79
N VAL B 169 -44.19 -17.50 6.75
CA VAL B 169 -44.02 -18.78 6.06
C VAL B 169 -43.20 -19.80 6.84
N ASP B 170 -42.82 -19.51 8.08
CA ASP B 170 -42.33 -20.55 8.97
C ASP B 170 -42.99 -20.58 10.34
N PHE B 171 -43.69 -19.53 10.75
CA PHE B 171 -44.77 -19.67 11.72
C PHE B 171 -45.85 -20.57 11.19
N LEU B 172 -45.91 -20.75 9.86
CA LEU B 172 -46.76 -21.77 9.26
C LEU B 172 -46.48 -23.16 9.80
N TYR B 173 -45.25 -23.45 10.22
CA TYR B 173 -44.94 -24.79 10.74
C TYR B 173 -45.58 -24.99 12.11
N PRO B 183 -35.36 -23.85 -1.60
CA PRO B 183 -34.12 -24.56 -1.24
C PRO B 183 -33.15 -23.68 -0.45
N PHE B 184 -33.51 -22.41 -0.28
CA PHE B 184 -32.68 -21.47 0.45
C PHE B 184 -33.59 -20.51 1.21
N ARG B 185 -32.98 -19.73 2.10
CA ARG B 185 -33.68 -18.75 2.92
C ARG B 185 -33.17 -17.35 2.64
N ILE B 186 -34.11 -16.42 2.46
CA ILE B 186 -33.80 -15.04 2.05
C ILE B 186 -33.46 -14.15 3.23
N ALA B 187 -34.12 -14.37 4.38
CA ALA B 187 -34.01 -13.50 5.56
C ALA B 187 -32.60 -13.03 5.91
N PRO B 188 -31.57 -13.88 6.02
CA PRO B 188 -30.26 -13.39 6.42
C PRO B 188 -29.68 -12.30 5.53
N TYR B 189 -29.99 -12.30 4.24
CA TYR B 189 -29.56 -11.23 3.34
C TYR B 189 -30.31 -9.94 3.63
N VAL B 190 -31.63 -10.02 3.78
CA VAL B 190 -32.45 -8.84 4.04
C VAL B 190 -32.09 -8.20 5.37
N ARG B 191 -31.76 -8.99 6.38
CA ARG B 191 -31.29 -8.43 7.64
C ARG B 191 -30.02 -7.58 7.49
N VAL B 192 -29.09 -8.02 6.65
CA VAL B 192 -27.90 -7.21 6.41
C VAL B 192 -28.23 -5.95 5.62
N ILE B 193 -29.12 -6.05 4.65
CA ILE B 193 -29.55 -4.85 3.92
C ILE B 193 -30.24 -3.86 4.87
N ILE B 194 -31.13 -4.33 5.73
CA ILE B 194 -31.76 -3.47 6.72
C ILE B 194 -30.73 -2.81 7.63
N PHE B 195 -29.72 -3.56 8.04
CA PHE B 195 -28.67 -2.98 8.87
C PHE B 195 -27.90 -1.88 8.15
N ILE B 196 -27.52 -2.12 6.89
CA ILE B 196 -26.89 -1.07 6.09
C ILE B 196 -27.79 0.15 5.99
N LEU B 197 -29.06 -0.04 5.66
CA LEU B 197 -29.98 1.07 5.49
C LEU B 197 -30.27 1.82 6.78
N SER B 198 -30.04 1.20 7.93
CA SER B 198 -30.37 1.83 9.21
C SER B 198 -29.24 2.66 9.80
N ILE B 199 -28.03 2.62 9.25
CA ILE B 199 -26.92 3.44 9.72
C ILE B 199 -26.53 4.42 8.61
N ARG B 200 -26.65 5.71 8.91
CA ARG B 200 -26.35 6.77 7.93
C ARG B 200 -24.95 6.66 7.35
N GLU B 201 -23.95 6.42 8.20
CA GLU B 201 -22.58 6.30 7.70
C GLU B 201 -22.38 5.11 6.77
N LEU B 202 -23.15 4.04 6.94
CA LEU B 202 -23.06 2.93 5.99
C LEU B 202 -23.74 3.23 4.67
N ARG B 203 -24.91 3.87 4.70
CA ARG B 203 -25.51 4.35 3.45
C ARG B 203 -24.57 5.29 2.72
N ASP B 204 -23.98 6.24 3.43
CA ASP B 204 -23.01 7.14 2.83
C ASP B 204 -21.84 6.42 2.21
N THR B 205 -21.29 5.43 2.91
CA THR B 205 -20.18 4.65 2.35
C THR B 205 -20.58 3.93 1.06
N LEU B 206 -21.79 3.36 1.01
CA LEU B 206 -22.22 2.71 -0.22
C LEU B 206 -22.49 3.69 -1.35
N VAL B 207 -23.03 4.87 -1.05
CA VAL B 207 -23.18 5.91 -2.08
C VAL B 207 -21.81 6.33 -2.62
N LEU B 208 -20.86 6.54 -1.72
CA LEU B 208 -19.48 6.85 -2.12
C LEU B 208 -18.90 5.75 -3.00
N LEU B 209 -19.03 4.50 -2.58
CA LEU B 209 -18.49 3.37 -3.32
C LEU B 209 -19.12 3.24 -4.71
N SER B 210 -20.41 3.52 -4.84
CA SER B 210 -21.07 3.46 -6.14
C SER B 210 -20.50 4.44 -7.15
N GLY B 211 -19.89 5.54 -6.71
CA GLY B 211 -19.20 6.42 -7.63
C GLY B 211 -17.85 5.92 -8.11
N MET B 212 -17.22 5.05 -7.35
CA MET B 212 -15.92 4.48 -7.72
C MET B 212 -16.02 3.32 -8.70
N LEU B 213 -17.18 2.66 -8.80
CA LEU B 213 -17.29 1.39 -9.52
C LEU B 213 -16.95 1.52 -11.00
N GLY B 214 -17.35 2.63 -11.64
CA GLY B 214 -17.08 2.78 -13.07
C GLY B 214 -15.61 2.78 -13.42
N THR B 215 -14.81 3.54 -12.68
CA THR B 215 -13.37 3.54 -12.89
C THR B 215 -12.69 2.26 -12.42
N TYR B 216 -13.22 1.61 -11.39
CA TYR B 216 -12.70 0.32 -10.94
C TYR B 216 -12.81 -0.79 -11.99
N LEU B 217 -13.95 -0.90 -12.67
CA LEU B 217 -14.10 -1.90 -13.74
C LEU B 217 -13.17 -1.70 -14.93
N ASN B 218 -12.72 -0.48 -15.21
CA ASN B 218 -11.71 -0.29 -16.26
C ASN B 218 -10.36 -0.89 -15.89
N ILE B 219 -9.88 -0.63 -14.68
CA ILE B 219 -8.59 -1.19 -14.35
C ILE B 219 -8.68 -2.69 -14.09
N LEU B 220 -9.84 -3.20 -13.67
CA LEU B 220 -10.04 -4.65 -13.72
C LEU B 220 -9.94 -5.21 -15.13
N ALA B 221 -10.42 -4.46 -16.12
CA ALA B 221 -10.26 -4.89 -17.51
C ALA B 221 -8.79 -4.98 -17.91
N LEU B 222 -8.00 -3.99 -17.53
CA LEU B 222 -6.56 -4.05 -17.83
C LEU B 222 -5.84 -5.14 -17.03
N TRP B 223 -6.23 -5.35 -15.79
CA TRP B 223 -5.69 -6.44 -14.98
C TRP B 223 -5.99 -7.82 -15.57
N MET B 224 -7.23 -8.05 -16.02
CA MET B 224 -7.52 -9.30 -16.73
C MET B 224 -6.70 -9.46 -17.99
N LEU B 225 -6.58 -8.39 -18.79
CA LEU B 225 -5.75 -8.48 -19.99
C LEU B 225 -4.31 -8.85 -19.67
N PHE B 226 -3.75 -8.25 -18.62
CA PHE B 226 -2.42 -8.62 -18.15
C PHE B 226 -2.32 -10.09 -17.75
N LEU B 227 -3.26 -10.59 -16.95
CA LEU B 227 -3.22 -12.00 -16.56
C LEU B 227 -3.32 -12.91 -17.77
N LEU B 228 -4.26 -12.63 -18.67
CA LEU B 228 -4.45 -13.50 -19.84
C LEU B 228 -3.20 -13.57 -20.70
N PHE B 229 -2.56 -12.41 -20.94
CA PHE B 229 -1.37 -12.40 -21.79
C PHE B 229 -0.17 -13.06 -21.13
N ALA B 230 0.08 -12.75 -19.86
CA ALA B 230 1.17 -13.41 -19.15
C ALA B 230 0.97 -14.91 -19.04
N SER B 231 -0.27 -15.35 -18.82
CA SER B 231 -0.56 -16.78 -18.78
C SER B 231 -0.38 -17.44 -20.14
N TRP B 232 -0.66 -16.73 -21.23
CA TRP B 232 -0.43 -17.31 -22.55
C TRP B 232 1.06 -17.50 -22.82
N ILE B 233 1.86 -16.48 -22.49
CA ILE B 233 3.31 -16.63 -22.62
C ILE B 233 3.82 -17.80 -21.78
N ALA B 234 3.43 -17.85 -20.51
CA ALA B 234 3.86 -18.93 -19.64
C ALA B 234 3.47 -20.30 -20.18
N PHE B 235 2.23 -20.44 -20.65
CA PHE B 235 1.77 -21.70 -21.20
C PHE B 235 2.60 -22.15 -22.40
N VAL B 236 2.79 -21.27 -23.38
CA VAL B 236 3.54 -21.69 -24.57
C VAL B 236 5.02 -21.86 -24.30
N MET B 237 5.56 -21.16 -23.31
CA MET B 237 6.98 -21.29 -22.96
C MET B 237 7.33 -22.62 -22.29
N PHE B 238 6.42 -23.20 -21.51
CA PHE B 238 6.70 -24.39 -20.70
C PHE B 238 6.05 -25.66 -21.22
N GLU B 239 5.48 -25.64 -22.43
CA GLU B 239 4.49 -26.63 -22.83
C GLU B 239 5.01 -28.06 -22.71
N ASP B 240 6.24 -28.31 -23.17
CA ASP B 240 6.82 -29.65 -23.10
C ASP B 240 7.77 -29.87 -21.93
N THR B 241 7.81 -28.96 -20.96
CA THR B 241 8.67 -29.10 -19.80
C THR B 241 7.96 -29.84 -18.67
N GLN B 242 8.72 -30.16 -17.62
CA GLN B 242 8.13 -30.65 -16.39
C GLN B 242 7.15 -29.65 -15.79
N GLN B 243 7.40 -28.36 -15.96
CA GLN B 243 6.44 -27.35 -15.54
C GLN B 243 5.13 -27.51 -16.31
N GLY B 244 5.24 -27.77 -17.61
CA GLY B 244 4.06 -28.07 -18.41
C GLY B 244 3.38 -29.36 -18.01
N LEU B 245 4.15 -30.45 -17.91
CA LEU B 245 3.60 -31.76 -17.59
C LEU B 245 2.98 -31.85 -16.21
N THR B 246 3.31 -30.96 -15.28
CA THR B 246 2.88 -31.10 -13.90
C THR B 246 2.18 -29.90 -13.29
N VAL B 247 2.23 -28.73 -13.93
CA VAL B 247 1.56 -27.55 -13.38
C VAL B 247 0.76 -26.83 -14.46
N PHE B 248 1.43 -26.44 -15.53
CA PHE B 248 0.81 -25.68 -16.63
C PHE B 248 0.26 -26.61 -17.71
N THR B 249 -0.56 -27.56 -17.27
CA THR B 249 -1.04 -28.62 -18.15
C THR B 249 -2.01 -28.14 -19.21
N SER B 250 -2.67 -27.00 -18.99
CA SER B 250 -3.57 -26.41 -19.98
C SER B 250 -3.56 -24.90 -19.77
N TYR B 251 -4.12 -24.18 -20.73
CA TYR B 251 -4.22 -22.73 -20.58
C TYR B 251 -5.04 -22.33 -19.36
N GLY B 252 -6.16 -23.02 -19.12
CA GLY B 252 -6.95 -22.71 -17.93
C GLY B 252 -6.22 -22.99 -16.61
N ALA B 253 -5.54 -24.12 -16.53
CA ALA B 253 -4.70 -24.41 -15.36
C ALA B 253 -3.60 -23.38 -15.19
N THR B 254 -2.96 -22.98 -16.29
CA THR B 254 -1.96 -21.92 -16.24
C THR B 254 -2.54 -20.61 -15.72
N LEU B 255 -3.66 -20.19 -16.29
CA LEU B 255 -4.29 -18.94 -15.87
C LEU B 255 -4.67 -18.97 -14.40
N TYR B 256 -5.19 -20.09 -13.92
CA TYR B 256 -5.50 -20.25 -12.50
C TYR B 256 -4.25 -20.11 -11.62
N GLN B 257 -3.18 -20.82 -11.97
CA GLN B 257 -1.95 -20.75 -11.18
C GLN B 257 -1.31 -19.36 -11.25
N MET B 258 -1.29 -18.75 -12.43
CA MET B 258 -0.75 -17.41 -12.60
C MET B 258 -1.58 -16.36 -11.87
N PHE B 259 -2.89 -16.55 -11.81
CA PHE B 259 -3.73 -15.69 -10.98
C PHE B 259 -3.36 -15.79 -9.51
N ILE B 260 -3.20 -17.01 -8.98
CA ILE B 260 -2.77 -17.12 -7.59
C ILE B 260 -1.37 -16.51 -7.40
N LEU B 261 -0.48 -16.68 -8.38
CA LEU B 261 0.86 -16.11 -8.29
C LEU B 261 0.85 -14.58 -8.31
N PHE B 262 -0.15 -13.97 -8.94
CA PHE B 262 -0.33 -12.52 -8.82
C PHE B 262 -0.51 -12.10 -7.37
N THR B 263 -1.18 -12.91 -6.57
CA THR B 263 -1.31 -12.64 -5.15
C THR B 263 -0.05 -12.97 -4.35
N THR B 264 0.94 -13.62 -4.98
CA THR B 264 2.17 -14.13 -4.37
C THR B 264 1.98 -15.30 -3.43
N SER B 265 0.75 -15.75 -3.17
CA SER B 265 0.54 -16.70 -2.09
C SER B 265 1.13 -18.08 -2.37
N ASN B 266 1.29 -18.45 -3.64
CA ASN B 266 1.91 -19.73 -4.03
C ASN B 266 3.35 -19.58 -4.54
N ASN B 267 4.00 -18.46 -4.27
CA ASN B 267 5.41 -18.30 -4.59
C ASN B 267 6.29 -18.85 -3.46
N PRO B 268 7.40 -19.55 -3.77
CA PRO B 268 7.88 -20.09 -5.05
C PRO B 268 7.29 -21.43 -5.49
N ASP B 269 6.40 -21.98 -4.66
CA ASP B 269 5.93 -23.35 -4.83
C ASP B 269 5.54 -23.70 -6.26
N VAL B 270 4.85 -22.77 -6.94
CA VAL B 270 4.32 -23.06 -8.27
C VAL B 270 5.35 -23.25 -9.36
N TRP B 271 6.57 -22.74 -9.19
CA TRP B 271 7.56 -22.79 -10.27
C TRP B 271 8.82 -23.55 -9.89
N ILE B 272 8.80 -24.30 -8.77
CA ILE B 272 9.92 -25.19 -8.44
C ILE B 272 10.23 -26.19 -9.54
N PRO B 273 9.27 -26.82 -10.21
CA PRO B 273 9.64 -27.74 -11.31
C PRO B 273 10.38 -27.09 -12.46
N ALA B 274 10.05 -25.85 -12.79
CA ALA B 274 10.83 -25.10 -13.78
C ALA B 274 12.25 -24.86 -13.30
N TYR B 275 12.40 -24.44 -12.04
CA TYR B 275 13.72 -24.13 -11.50
C TYR B 275 14.58 -25.37 -11.39
N LYS B 276 13.99 -26.51 -11.02
CA LYS B 276 14.71 -27.78 -11.11
C LYS B 276 15.11 -28.11 -12.54
N SER B 277 14.25 -27.79 -13.51
CA SER B 277 14.58 -28.08 -14.90
C SER B 277 15.61 -27.12 -15.46
N SER B 278 15.56 -25.85 -15.06
CA SER B 278 16.54 -24.87 -15.51
C SER B 278 16.46 -23.65 -14.62
N ARG B 279 17.63 -23.22 -14.11
CA ARG B 279 17.66 -22.09 -13.19
C ARG B 279 17.27 -20.78 -13.88
N TRP B 280 17.53 -20.66 -15.18
CA TRP B 280 17.11 -19.50 -15.95
C TRP B 280 15.61 -19.27 -15.94
N SER B 281 14.80 -20.30 -15.72
CA SER B 281 13.36 -20.12 -15.60
C SER B 281 12.99 -19.10 -14.54
N SER B 282 13.81 -18.96 -13.49
CA SER B 282 13.54 -17.98 -12.45
C SER B 282 13.43 -16.56 -12.99
N VAL B 283 14.14 -16.23 -14.07
CA VAL B 283 14.06 -14.88 -14.63
C VAL B 283 12.64 -14.53 -15.10
N PHE B 284 11.94 -15.47 -15.73
CA PHE B 284 10.56 -15.23 -16.12
C PHE B 284 9.66 -14.92 -14.93
N PHE B 285 9.71 -15.76 -13.91
CA PHE B 285 8.85 -15.57 -12.75
C PHE B 285 9.24 -14.35 -11.92
N VAL B 286 10.53 -14.05 -11.83
CA VAL B 286 10.97 -12.79 -11.23
C VAL B 286 10.37 -11.59 -11.95
N LEU B 287 10.51 -11.53 -13.27
CA LEU B 287 9.92 -10.41 -14.00
C LEU B 287 8.41 -10.34 -13.82
N TYR B 288 7.73 -11.47 -13.92
CA TYR B 288 6.30 -11.50 -13.75
C TYR B 288 5.86 -10.95 -12.39
N VAL B 289 6.46 -11.46 -11.31
CA VAL B 289 6.06 -11.02 -9.98
C VAL B 289 6.45 -9.57 -9.73
N LEU B 290 7.63 -9.16 -10.17
CA LEU B 290 8.04 -7.77 -10.03
C LEU B 290 7.07 -6.81 -10.71
N ILE B 291 6.68 -7.11 -11.96
CA ILE B 291 5.73 -6.25 -12.65
C ILE B 291 4.35 -6.33 -11.99
N GLY B 292 3.87 -7.53 -11.72
CA GLY B 292 2.53 -7.69 -11.18
C GLY B 292 2.34 -7.00 -9.85
N VAL B 293 3.28 -7.14 -8.94
CA VAL B 293 3.15 -6.47 -7.65
C VAL B 293 3.45 -5.00 -7.79
N TYR B 294 4.69 -4.65 -8.12
CA TYR B 294 5.17 -3.28 -7.92
C TYR B 294 4.66 -2.30 -8.96
N PHE B 295 4.22 -2.75 -10.14
CA PHE B 295 3.59 -1.86 -11.08
C PHE B 295 2.07 -1.99 -10.96
N VAL B 296 1.53 -3.15 -11.34
CA VAL B 296 0.08 -3.28 -11.50
C VAL B 296 -0.67 -3.11 -10.17
N THR B 297 -0.21 -3.77 -9.09
CA THR B 297 -0.93 -3.61 -7.82
C THR B 297 -0.89 -2.19 -7.29
N ASN B 298 0.26 -1.52 -7.39
CA ASN B 298 0.35 -0.15 -6.93
C ASN B 298 -0.45 0.82 -7.80
N LEU B 299 -0.51 0.60 -9.12
CA LEU B 299 -1.39 1.43 -9.95
C LEU B 299 -2.88 1.20 -9.68
N ILE B 300 -3.29 -0.03 -9.37
CA ILE B 300 -4.66 -0.25 -8.90
C ILE B 300 -4.95 0.52 -7.63
N LEU B 301 -4.01 0.49 -6.67
CA LEU B 301 -4.16 1.30 -5.48
C LEU B 301 -4.27 2.78 -5.79
N ALA B 302 -3.42 3.28 -6.69
CA ALA B 302 -3.47 4.70 -7.06
C ALA B 302 -4.80 5.10 -7.69
N VAL B 303 -5.34 4.26 -8.59
CA VAL B 303 -6.64 4.54 -9.19
C VAL B 303 -7.76 4.57 -8.15
N VAL B 304 -7.75 3.61 -7.23
CA VAL B 304 -8.75 3.60 -6.16
C VAL B 304 -8.61 4.82 -5.28
N TYR B 305 -7.39 5.21 -4.96
CA TYR B 305 -7.15 6.40 -4.13
C TYR B 305 -7.65 7.68 -4.78
N ASP B 306 -7.32 7.92 -6.04
CA ASP B 306 -7.84 9.09 -6.74
C ASP B 306 -9.38 9.12 -6.78
N SER B 307 -10.01 7.99 -7.10
CA SER B 307 -11.46 7.99 -7.14
C SER B 307 -12.09 8.22 -5.77
N PHE B 308 -11.52 7.62 -4.73
CA PHE B 308 -11.95 7.88 -3.37
C PHE B 308 -11.88 9.38 -3.03
N LYS B 309 -10.75 10.04 -3.35
CA LYS B 309 -10.66 11.47 -3.08
C LYS B 309 -11.74 12.28 -3.78
N GLU B 310 -12.04 11.96 -5.03
CA GLU B 310 -13.09 12.67 -5.74
C GLU B 310 -14.47 12.48 -5.08
N GLN B 311 -14.76 11.27 -4.63
CA GLN B 311 -16.06 11.03 -4.02
C GLN B 311 -16.17 11.61 -2.62
N LEU B 312 -15.10 11.58 -1.84
CA LEU B 312 -15.11 12.22 -0.53
C LEU B 312 -15.29 13.73 -0.65
N ALA B 313 -14.65 14.36 -1.64
CA ALA B 313 -14.89 15.78 -1.87
C ALA B 313 -16.33 16.07 -2.20
N LYS B 314 -16.97 15.21 -2.99
CA LYS B 314 -18.39 15.38 -3.29
C LYS B 314 -19.28 15.23 -2.05
N GLN B 315 -18.92 14.33 -1.16
CA GLN B 315 -19.65 14.15 0.10
C GLN B 315 -19.54 15.37 1.02
N VAL B 316 -18.32 15.87 1.22
CA VAL B 316 -18.13 17.05 2.06
C VAL B 316 -18.86 18.26 1.49
N SER B 317 -18.87 18.41 0.16
CA SER B 317 -19.68 19.46 -0.45
C SER B 317 -21.16 19.33 -0.08
N GLY B 318 -21.71 18.12 -0.19
CA GLY B 318 -23.11 17.93 0.18
C GLY B 318 -23.42 18.29 1.63
N MET B 319 -22.50 17.98 2.54
CA MET B 319 -22.66 18.38 3.94
C MET B 319 -22.61 19.89 4.13
N ASP B 320 -21.77 20.59 3.37
CA ASP B 320 -21.79 22.05 3.41
C ASP B 320 -23.10 22.62 2.87
N GLN B 321 -23.68 22.01 1.84
CA GLN B 321 -25.00 22.45 1.39
C GLN B 321 -26.07 22.26 2.46
N MET B 322 -26.03 21.15 3.18
CA MET B 322 -26.97 20.97 4.30
C MET B 322 -26.82 22.08 5.35
N LYS B 323 -25.58 22.39 5.73
CA LYS B 323 -25.34 23.45 6.69
C LYS B 323 -25.88 24.80 6.21
N ARG B 324 -25.62 25.16 4.96
CA ARG B 324 -26.17 26.40 4.41
C ARG B 324 -27.69 26.40 4.39
N ARG B 325 -28.33 25.29 4.03
CA ARG B 325 -29.79 25.25 4.05
C ARG B 325 -30.34 25.53 5.44
N MET B 326 -29.70 24.98 6.47
CA MET B 326 -30.17 25.27 7.83
C MET B 326 -29.97 26.73 8.21
N LEU B 327 -28.84 27.32 7.86
CA LEU B 327 -28.64 28.75 8.15
C LEU B 327 -29.62 29.65 7.40
N GLU B 328 -29.97 29.29 6.17
CA GLU B 328 -31.00 30.03 5.45
C GLU B 328 -32.38 29.87 6.06
N LYS B 329 -32.70 28.69 6.58
CA LYS B 329 -33.94 28.56 7.37
C LYS B 329 -33.93 29.44 8.62
N ALA B 330 -32.80 29.52 9.30
CA ALA B 330 -32.72 30.42 10.46
C ALA B 330 -32.98 31.88 10.07
N PHE B 331 -32.35 32.33 8.98
CA PHE B 331 -32.64 33.67 8.49
C PHE B 331 -34.11 33.82 8.11
N GLY B 332 -34.71 32.80 7.52
CA GLY B 332 -36.12 32.85 7.22
C GLY B 332 -37.03 32.77 8.42
N LEU B 333 -36.49 32.44 9.59
CA LEU B 333 -37.24 32.60 10.83
C LEU B 333 -37.15 34.01 11.37
N ILE B 334 -35.98 34.63 11.31
CA ILE B 334 -35.86 36.00 11.81
C ILE B 334 -36.55 36.99 10.89
N ASP B 335 -36.28 36.90 9.59
CA ASP B 335 -36.97 37.74 8.61
C ASP B 335 -38.38 37.21 8.40
N SER B 336 -39.35 37.85 9.05
CA SER B 336 -40.77 37.58 8.88
C SER B 336 -41.43 38.49 7.85
N ASP B 337 -40.69 39.42 7.25
CA ASP B 337 -41.26 40.42 6.36
C ASP B 337 -40.81 40.27 4.91
N LYS B 338 -39.84 39.39 4.66
CA LYS B 338 -39.35 39.00 3.34
C LYS B 338 -38.59 40.12 2.62
N ASN B 339 -38.27 41.21 3.29
CA ASN B 339 -37.42 42.22 2.65
C ASN B 339 -35.99 41.74 2.50
N GLY B 340 -35.63 40.61 3.12
CA GLY B 340 -34.31 40.04 2.96
C GLY B 340 -33.25 40.69 3.83
N GLU B 341 -33.64 41.43 4.86
CA GLU B 341 -32.69 42.18 5.66
C GLU B 341 -33.09 42.12 7.13
N ILE B 342 -32.07 42.19 8.00
CA ILE B 342 -32.26 42.32 9.44
C ILE B 342 -31.40 43.49 9.91
N ASP B 343 -31.88 44.18 10.94
CA ASP B 343 -31.18 45.36 11.46
C ASP B 343 -30.47 45.04 12.78
N LYS B 344 -29.64 45.98 13.20
CA LYS B 344 -28.78 45.78 14.36
C LYS B 344 -29.57 45.46 15.63
N ASN B 345 -30.77 46.01 15.76
CA ASN B 345 -31.59 45.70 16.94
C ASN B 345 -32.06 44.26 16.93
N GLN B 346 -32.28 43.67 15.75
CA GLN B 346 -32.49 42.23 15.66
C GLN B 346 -31.20 41.47 15.84
N CYS B 347 -30.10 41.99 15.28
CA CYS B 347 -28.87 41.23 15.27
C CYS B 347 -28.29 41.07 16.67
N ILE B 348 -28.28 42.12 17.49
CA ILE B 348 -27.88 41.97 18.89
C ILE B 348 -28.79 41.01 19.65
N LYS B 349 -30.08 40.97 19.29
CA LYS B 349 -31.02 40.05 19.93
C LYS B 349 -30.72 38.60 19.59
N LEU B 350 -30.27 38.33 18.37
CA LEU B 350 -29.70 37.01 18.07
C LEU B 350 -28.36 36.78 18.75
N PHE B 351 -27.50 37.80 18.76
CA PHE B 351 -26.17 37.63 19.33
C PHE B 351 -26.21 37.25 20.80
N GLU B 352 -27.18 37.76 21.54
CA GLU B 352 -27.34 37.28 22.92
C GLU B 352 -27.78 35.82 22.98
N GLN B 353 -28.83 35.46 22.23
CA GLN B 353 -29.36 34.11 22.24
C GLN B 353 -28.35 33.09 21.74
N LEU B 354 -27.29 33.55 21.07
CA LEU B 354 -26.18 32.68 20.68
C LEU B 354 -25.07 32.70 21.74
N THR B 355 -24.43 33.85 21.92
CA THR B 355 -23.20 33.96 22.68
C THR B 355 -23.42 33.83 24.17
N ASN B 356 -24.66 33.79 24.66
CA ASN B 356 -24.88 33.46 26.07
C ASN B 356 -25.96 32.40 26.25
N TYR B 357 -26.16 31.56 25.23
CA TYR B 357 -26.90 30.30 25.46
C TYR B 357 -26.27 29.08 24.80
N ARG B 358 -25.37 29.24 23.83
CA ARG B 358 -24.71 28.09 23.21
C ARG B 358 -23.21 28.33 23.11
N THR B 359 -22.79 29.59 22.98
CA THR B 359 -21.38 29.92 23.03
C THR B 359 -21.15 31.26 23.73
N PHE B 381 -24.42 47.24 11.20
CA PHE B 381 -25.00 47.46 9.88
C PHE B 381 -25.94 46.32 9.52
N LYS B 382 -26.77 46.54 8.51
CA LYS B 382 -27.73 45.53 8.10
C LYS B 382 -27.01 44.26 7.63
N ILE B 383 -27.73 43.14 7.72
CA ILE B 383 -27.24 41.84 7.31
C ILE B 383 -28.19 41.25 6.27
N ASN B 384 -27.65 40.40 5.40
CA ASN B 384 -28.42 39.74 4.35
C ASN B 384 -28.20 38.23 4.41
N LYS B 385 -28.89 37.53 3.52
CA LYS B 385 -28.93 36.07 3.54
C LYS B 385 -27.55 35.42 3.52
N ASP B 386 -26.61 35.98 2.74
CA ASP B 386 -25.24 35.47 2.72
C ASP B 386 -24.35 36.04 3.81
N GLU B 387 -24.53 37.32 4.13
CA GLU B 387 -23.73 37.92 5.18
C GLU B 387 -23.98 37.24 6.52
N PHE B 388 -25.22 36.88 6.80
CA PHE B 388 -25.53 36.13 8.02
C PHE B 388 -24.78 34.81 8.07
N ALA B 389 -24.77 34.06 6.97
CA ALA B 389 -24.09 32.78 6.94
C ALA B 389 -22.60 32.92 7.14
N ASP B 390 -21.97 33.89 6.49
CA ASP B 390 -20.56 34.11 6.70
C ASP B 390 -20.26 34.55 8.12
N LEU B 391 -20.99 35.54 8.63
CA LEU B 391 -20.76 36.03 9.97
C LEU B 391 -20.89 34.92 11.01
N CYS B 392 -21.94 34.11 10.91
CA CYS B 392 -22.12 33.03 11.87
C CYS B 392 -21.03 31.97 11.77
N GLN B 393 -20.64 31.58 10.55
CA GLN B 393 -19.55 30.61 10.45
C GLN B 393 -18.21 31.18 10.92
N ALA B 394 -18.03 32.50 10.83
CA ALA B 394 -16.87 33.12 11.46
C ALA B 394 -16.95 33.06 12.98
N ILE B 395 -18.14 33.27 13.53
CA ILE B 395 -18.33 33.06 14.97
C ILE B 395 -18.01 31.62 15.34
N ALA B 396 -18.46 30.68 14.53
CA ALA B 396 -18.12 29.28 14.71
C ALA B 396 -16.63 29.03 14.61
N LEU B 397 -15.91 29.90 13.92
CA LEU B 397 -14.45 29.78 13.85
C LEU B 397 -13.76 30.32 15.10
N ARG B 398 -13.85 31.63 15.35
CA ARG B 398 -12.98 32.23 16.36
C ARG B 398 -13.60 32.26 17.75
N PHE B 399 -14.80 32.82 17.91
CA PHE B 399 -15.37 32.96 19.24
C PHE B 399 -15.94 31.65 19.76
N GLN B 400 -16.40 30.78 18.87
CA GLN B 400 -17.14 29.59 19.27
C GLN B 400 -16.32 28.66 20.15
N LYS B 401 -16.62 28.67 21.44
CA LYS B 401 -16.35 27.55 22.32
C LYS B 401 -17.64 27.24 23.07
N GLU B 402 -17.93 25.95 23.23
CA GLU B 402 -19.20 25.55 23.82
C GLU B 402 -19.33 26.02 25.26
N GLU B 403 -20.49 26.56 25.59
CA GLU B 403 -20.91 26.68 26.97
C GLU B 403 -21.19 25.31 27.57
N VAL B 404 -20.88 25.15 28.85
CA VAL B 404 -21.22 23.93 29.58
C VAL B 404 -22.73 23.90 29.83
N PRO B 405 -23.36 22.73 29.81
CA PRO B 405 -24.74 22.62 30.30
C PRO B 405 -24.85 22.83 31.80
N SER B 406 -26.08 22.97 32.26
CA SER B 406 -26.37 23.23 33.66
C SER B 406 -26.01 22.04 34.54
N LEU B 407 -25.83 22.33 35.83
CA LEU B 407 -25.50 21.32 36.84
C LEU B 407 -24.35 20.43 36.38
N ARG B 428 -11.52 18.48 39.06
CA ARG B 428 -11.49 19.23 37.81
C ARG B 428 -10.13 19.88 37.57
N SER B 429 -9.33 19.97 38.62
CA SER B 429 -8.06 20.69 38.51
C SER B 429 -7.16 20.04 37.46
N PRO B 430 -6.34 20.84 36.77
CA PRO B 430 -5.47 20.27 35.73
C PRO B 430 -4.49 19.22 36.22
N ASN B 431 -4.01 19.35 37.46
CA ASN B 431 -3.12 18.34 38.05
C ASN B 431 -3.81 17.02 38.36
N PHE B 432 -5.15 16.99 38.36
CA PHE B 432 -5.85 15.72 38.56
C PHE B 432 -5.47 14.71 37.50
N GLY B 433 -5.24 15.19 36.27
CA GLY B 433 -4.73 14.31 35.22
C GLY B 433 -3.37 13.71 35.55
N TYR B 434 -2.50 14.48 36.19
CA TYR B 434 -1.22 13.94 36.63
C TYR B 434 -1.41 12.90 37.72
N ALA B 435 -2.30 13.16 38.67
CA ALA B 435 -2.53 12.21 39.75
C ALA B 435 -3.02 10.87 39.20
N ILE B 436 -4.03 10.90 38.33
CA ILE B 436 -4.51 9.64 37.76
C ILE B 436 -3.49 8.99 36.82
N SER B 437 -2.68 9.77 36.12
CA SER B 437 -1.62 9.16 35.32
C SER B 437 -0.57 8.44 36.17
N PHE B 438 -0.17 9.04 37.29
CA PHE B 438 0.71 8.37 38.23
C PHE B 438 0.08 7.12 38.84
N ILE B 439 -1.20 7.20 39.18
CA ILE B 439 -1.89 6.02 39.71
C ILE B 439 -1.92 4.88 38.70
N LEU B 440 -2.27 5.16 37.44
CA LEU B 440 -2.31 4.08 36.46
C LEU B 440 -0.93 3.57 36.03
N ILE B 441 0.12 4.39 36.12
CA ILE B 441 1.46 3.83 35.91
C ILE B 441 1.91 2.96 37.10
N ILE B 442 1.56 3.37 38.32
CA ILE B 442 1.77 2.51 39.48
C ILE B 442 1.03 1.19 39.31
N ASN B 443 -0.20 1.25 38.81
CA ASN B 443 -0.97 0.03 38.56
C ASN B 443 -0.30 -0.85 37.50
N PHE B 444 0.29 -0.24 36.48
CA PHE B 444 0.98 -1.03 35.46
C PHE B 444 2.22 -1.73 36.00
N ILE B 445 3.07 -1.01 36.74
CA ILE B 445 4.23 -1.66 37.35
C ILE B 445 3.84 -2.71 38.39
N ALA B 446 2.72 -2.50 39.09
CA ALA B 446 2.17 -3.55 39.94
C ALA B 446 1.75 -4.77 39.14
N VAL B 447 1.07 -4.57 38.01
CA VAL B 447 0.62 -5.71 37.21
C VAL B 447 1.81 -6.49 36.68
N VAL B 448 2.84 -5.81 36.18
CA VAL B 448 3.98 -6.54 35.65
C VAL B 448 4.69 -7.34 36.74
N VAL B 449 4.95 -6.70 37.89
CA VAL B 449 5.61 -7.47 38.97
C VAL B 449 4.73 -8.58 39.52
N GLU B 450 3.41 -8.46 39.37
CA GLU B 450 2.49 -9.55 39.72
C GLU B 450 2.51 -10.70 38.72
N THR B 451 2.51 -10.40 37.42
CA THR B 451 2.59 -11.47 36.42
C THR B 451 3.91 -12.23 36.48
N THR B 452 5.01 -11.55 36.77
CA THR B 452 6.27 -12.27 36.95
C THR B 452 6.42 -12.86 38.34
N LEU B 453 5.45 -12.64 39.23
CA LEU B 453 5.43 -13.25 40.56
C LEU B 453 6.76 -13.03 41.28
N ASN B 454 7.18 -11.77 41.38
CA ASN B 454 8.43 -11.43 42.03
C ASN B 454 8.36 -11.72 43.52
N TRP B 464 -2.05 -8.86 43.87
CA TRP B 464 -2.73 -8.72 45.16
C TRP B 464 -4.16 -8.24 44.98
N GLN B 465 -5.10 -9.09 45.38
CA GLN B 465 -6.52 -8.81 45.17
C GLN B 465 -6.95 -7.54 45.89
N VAL B 466 -6.32 -7.20 47.01
CA VAL B 466 -6.63 -5.95 47.70
C VAL B 466 -6.11 -4.74 46.92
N ALA B 467 -4.98 -4.87 46.24
CA ALA B 467 -4.51 -3.78 45.39
C ALA B 467 -5.38 -3.60 44.15
N GLU B 468 -5.72 -4.70 43.48
CA GLU B 468 -6.62 -4.61 42.34
C GLU B 468 -7.99 -4.07 42.73
N PHE B 469 -8.47 -4.41 43.92
CA PHE B 469 -9.67 -3.80 44.48
C PHE B 469 -9.51 -2.30 44.71
N VAL B 470 -8.44 -1.88 45.39
CA VAL B 470 -8.31 -0.46 45.71
C VAL B 470 -8.11 0.38 44.45
N PHE B 471 -7.41 -0.14 43.44
CA PHE B 471 -7.37 0.57 42.15
C PHE B 471 -8.71 0.61 41.44
N GLY B 472 -9.46 -0.49 41.43
CA GLY B 472 -10.80 -0.45 40.86
C GLY B 472 -11.70 0.56 41.56
N TRP B 473 -11.57 0.66 42.87
CA TRP B 473 -12.25 1.68 43.64
C TRP B 473 -11.81 3.08 43.25
N ILE B 474 -10.50 3.31 43.11
CA ILE B 474 -10.03 4.63 42.67
C ILE B 474 -10.60 5.00 41.30
N TYR B 475 -10.65 4.04 40.37
CA TYR B 475 -11.18 4.33 39.04
C TYR B 475 -12.68 4.62 39.04
N VAL B 476 -13.45 3.93 39.87
CA VAL B 476 -14.86 4.32 39.99
C VAL B 476 -15.03 5.62 40.74
N LEU B 477 -14.15 5.93 41.70
CA LEU B 477 -14.21 7.21 42.37
C LEU B 477 -13.89 8.35 41.42
N GLU B 478 -12.90 8.16 40.55
CA GLU B 478 -12.61 9.13 39.51
C GLU B 478 -13.80 9.35 38.58
N MET B 479 -14.40 8.25 38.09
CA MET B 479 -15.60 8.39 37.27
C MET B 479 -16.71 9.18 37.98
N ALA B 480 -17.02 8.82 39.22
CA ALA B 480 -18.06 9.52 39.97
C ALA B 480 -17.73 10.98 40.23
N LEU B 481 -16.47 11.28 40.52
CA LEU B 481 -16.06 12.67 40.72
C LEU B 481 -16.17 13.47 39.44
N LYS B 482 -15.69 12.92 38.31
CA LYS B 482 -15.73 13.66 37.06
C LYS B 482 -17.17 13.90 36.59
N ILE B 483 -18.03 12.87 36.68
CA ILE B 483 -19.43 13.09 36.32
C ILE B 483 -20.12 14.04 37.29
N TYR B 484 -19.64 14.14 38.53
CA TYR B 484 -20.20 15.13 39.45
C TYR B 484 -19.76 16.55 39.10
N THR B 485 -18.48 16.75 38.81
CA THR B 485 -17.97 18.11 38.58
C THR B 485 -18.41 18.69 37.23
N TYR B 486 -18.41 17.89 36.17
CA TYR B 486 -18.83 18.40 34.86
C TYR B 486 -20.30 18.13 34.55
N GLY B 487 -20.91 17.13 35.17
CA GLY B 487 -22.19 16.63 34.70
C GLY B 487 -22.05 15.70 33.52
N PHE B 488 -22.89 14.66 33.49
CA PHE B 488 -22.76 13.62 32.48
C PHE B 488 -22.92 14.17 31.07
N GLU B 489 -23.85 15.11 30.88
CA GLU B 489 -24.08 15.66 29.55
C GLU B 489 -22.88 16.44 29.03
N ASN B 490 -21.99 16.90 29.90
CA ASN B 490 -20.72 17.48 29.47
C ASN B 490 -19.60 16.44 29.49
N TYR B 491 -19.57 15.60 30.52
CA TYR B 491 -18.56 14.55 30.64
C TYR B 491 -18.58 13.65 29.40
N TRP B 492 -19.75 13.08 29.10
CA TRP B 492 -19.87 12.06 28.06
C TRP B 492 -19.49 12.55 26.67
N ARG B 493 -19.35 13.86 26.46
CA ARG B 493 -18.97 14.36 25.14
C ARG B 493 -17.57 13.92 24.71
N GLU B 494 -16.67 13.67 25.65
CA GLU B 494 -15.32 13.29 25.27
C GLU B 494 -15.24 11.83 24.83
N GLY B 495 -14.53 11.60 23.73
CA GLY B 495 -14.36 10.25 23.21
C GLY B 495 -13.60 9.31 24.13
N ALA B 496 -12.71 9.86 24.96
CA ALA B 496 -11.93 9.05 25.89
C ALA B 496 -12.76 8.64 27.10
N ASN B 497 -13.33 9.62 27.81
CA ASN B 497 -13.90 9.30 29.10
C ASN B 497 -15.14 8.43 28.98
N ARG B 498 -15.84 8.45 27.84
CA ARG B 498 -16.93 7.51 27.64
C ARG B 498 -16.46 6.06 27.56
N PHE B 499 -15.25 5.84 27.04
CA PHE B 499 -14.65 4.51 27.10
C PHE B 499 -14.19 4.18 28.51
N ASP B 500 -13.56 5.14 29.19
CA ASP B 500 -13.18 4.91 30.57
C ASP B 500 -14.39 4.54 31.42
N PHE B 501 -15.50 5.25 31.21
CA PHE B 501 -16.76 4.92 31.86
C PHE B 501 -17.23 3.51 31.55
N LEU B 502 -17.22 3.13 30.27
CA LEU B 502 -17.68 1.80 29.89
C LEU B 502 -16.85 0.72 30.58
N VAL B 503 -15.52 0.80 30.47
CA VAL B 503 -14.68 -0.23 31.07
C VAL B 503 -14.74 -0.21 32.60
N THR B 504 -14.90 0.96 33.22
CA THR B 504 -15.09 0.99 34.66
C THR B 504 -16.39 0.34 35.10
N TRP B 505 -17.47 0.57 34.34
CA TRP B 505 -18.72 -0.12 34.63
C TRP B 505 -18.59 -1.62 34.47
N VAL B 506 -17.99 -2.09 33.37
CA VAL B 506 -17.75 -3.52 33.20
C VAL B 506 -16.87 -4.10 34.32
N ILE B 507 -15.92 -3.31 34.81
CA ILE B 507 -15.15 -3.73 35.99
C ILE B 507 -16.05 -3.91 37.19
N VAL B 508 -16.77 -2.86 37.58
CA VAL B 508 -17.50 -2.94 38.85
C VAL B 508 -18.61 -3.97 38.77
N ILE B 509 -19.26 -4.14 37.61
CA ILE B 509 -20.20 -5.25 37.49
C ILE B 509 -19.48 -6.59 37.46
N GLY B 510 -18.18 -6.60 37.18
CA GLY B 510 -17.42 -7.83 37.32
C GLY B 510 -17.13 -8.23 38.74
N GLU B 511 -17.35 -7.33 39.70
CA GLU B 511 -17.19 -7.64 41.13
C GLU B 511 -18.40 -8.40 41.65
N THR B 512 -18.68 -9.54 41.01
CA THR B 512 -19.89 -10.30 41.30
C THR B 512 -19.83 -11.05 42.63
N ALA B 513 -18.66 -11.16 43.24
CA ALA B 513 -18.52 -11.94 44.47
C ALA B 513 -19.37 -11.34 45.60
N GLY B 527 -11.06 -15.54 39.17
CA GLY B 527 -10.32 -15.39 37.92
C GLY B 527 -9.51 -14.12 37.87
N GLU B 528 -8.80 -13.93 36.75
CA GLU B 528 -7.87 -12.82 36.58
C GLU B 528 -8.26 -11.87 35.46
N TRP B 529 -9.42 -12.07 34.82
CA TRP B 529 -9.75 -11.30 33.62
C TRP B 529 -9.74 -9.80 33.87
N ILE B 530 -10.00 -9.36 35.11
CA ILE B 530 -9.94 -7.94 35.42
C ILE B 530 -8.58 -7.34 35.11
N ARG B 531 -7.53 -8.16 35.06
CA ARG B 531 -6.22 -7.70 34.61
C ARG B 531 -6.32 -6.99 33.26
N TYR B 532 -7.02 -7.59 32.31
CA TYR B 532 -7.12 -7.03 30.97
C TYR B 532 -8.03 -5.80 30.91
N LEU B 533 -9.04 -5.71 31.77
CA LEU B 533 -9.85 -4.49 31.81
C LEU B 533 -9.07 -3.32 32.39
N LEU B 534 -8.32 -3.55 33.46
CA LEU B 534 -7.49 -2.49 34.01
C LEU B 534 -6.37 -2.10 33.04
N LEU B 535 -5.79 -3.05 32.32
CA LEU B 535 -4.83 -2.64 31.28
C LEU B 535 -5.49 -1.98 30.07
N ALA B 536 -6.76 -2.28 29.79
CA ALA B 536 -7.52 -1.50 28.81
C ALA B 536 -7.70 -0.06 29.23
N ARG B 537 -7.82 0.20 30.53
CA ARG B 537 -7.69 1.59 31.01
C ARG B 537 -6.25 2.09 30.90
N MET B 538 -5.27 1.25 31.23
CA MET B 538 -3.87 1.64 31.17
C MET B 538 -3.45 2.12 29.79
N LEU B 539 -4.06 1.58 28.74
CA LEU B 539 -3.79 2.05 27.37
C LEU B 539 -3.87 3.57 27.23
N ARG B 540 -4.67 4.25 28.05
CA ARG B 540 -4.73 5.71 28.00
C ARG B 540 -3.37 6.37 28.20
N LEU B 541 -2.45 5.70 28.90
CA LEU B 541 -1.10 6.22 29.05
C LEU B 541 -0.41 6.55 27.72
N ILE B 542 -0.78 5.87 26.63
CA ILE B 542 -0.18 6.16 25.33
C ILE B 542 -0.46 7.57 24.83
N ARG B 543 -1.52 8.21 25.29
CA ARG B 543 -1.78 9.60 24.92
C ARG B 543 -0.68 10.54 25.38
N LEU B 544 0.07 10.18 26.42
CA LEU B 544 1.19 11.00 26.86
C LEU B 544 2.33 11.06 25.86
N LEU B 545 2.41 10.12 24.92
CA LEU B 545 3.35 10.25 23.80
C LEU B 545 2.95 11.30 22.78
N MET B 546 1.72 11.83 22.80
CA MET B 546 1.43 13.01 22.00
C MET B 546 2.17 14.24 22.50
N ASN B 547 2.67 14.21 23.73
CA ASN B 547 3.59 15.25 24.20
C ASN B 547 4.95 15.14 23.55
N VAL B 548 5.31 13.97 23.03
CA VAL B 548 6.59 13.76 22.39
C VAL B 548 6.42 14.07 20.91
N GLN B 549 6.98 15.21 20.49
CA GLN B 549 6.70 15.77 19.18
C GLN B 549 7.00 14.79 18.05
N ARG B 550 8.05 13.98 18.20
CA ARG B 550 8.37 12.98 17.19
C ARG B 550 7.30 11.89 17.05
N TYR B 551 6.40 11.76 18.02
CA TYR B 551 5.34 10.77 17.99
C TYR B 551 3.95 11.37 17.90
N ARG B 552 3.82 12.69 18.06
CA ARG B 552 2.51 13.33 18.17
C ARG B 552 1.62 13.03 16.97
N ALA B 553 2.14 13.19 15.76
CA ALA B 553 1.34 12.96 14.56
C ALA B 553 0.87 11.52 14.43
N PHE B 554 1.76 10.57 14.69
CA PHE B 554 1.41 9.15 14.59
C PHE B 554 0.31 8.76 15.57
N ILE B 555 0.50 9.08 16.85
CA ILE B 555 -0.48 8.72 17.86
C ILE B 555 -1.82 9.43 17.63
N ALA B 556 -1.76 10.72 17.30
CA ALA B 556 -2.98 11.47 17.02
C ALA B 556 -3.75 10.91 15.83
N THR B 557 -3.04 10.49 14.78
CA THR B 557 -3.73 9.87 13.66
C THR B 557 -4.34 8.53 14.03
N PHE B 558 -3.62 7.70 14.78
CA PHE B 558 -4.19 6.44 15.24
C PHE B 558 -5.46 6.65 16.06
N ILE B 559 -5.45 7.63 16.96
CA ILE B 559 -6.62 7.94 17.77
C ILE B 559 -7.78 8.42 16.92
N THR B 560 -7.53 9.31 15.95
CA THR B 560 -8.64 9.74 15.10
C THR B 560 -9.13 8.62 14.19
N LEU B 561 -8.25 7.70 13.77
CA LEU B 561 -8.68 6.60 12.93
C LEU B 561 -9.59 5.61 13.65
N ILE B 562 -9.42 5.44 14.95
CA ILE B 562 -10.24 4.47 15.66
C ILE B 562 -11.73 4.66 15.37
N PRO B 563 -12.31 5.84 15.59
CA PRO B 563 -13.71 6.06 15.19
C PRO B 563 -13.99 6.24 13.70
N SER B 564 -13.11 6.95 12.99
CA SER B 564 -13.42 7.37 11.62
C SER B 564 -13.33 6.25 10.58
N LEU B 565 -12.62 5.16 10.87
CA LEU B 565 -12.67 3.97 10.02
C LEU B 565 -13.89 3.08 10.21
N MET B 566 -14.67 3.26 11.27
CA MET B 566 -15.78 2.34 11.52
C MET B 566 -16.78 2.20 10.38
N PRO B 567 -17.10 3.23 9.60
CA PRO B 567 -17.98 3.00 8.45
C PRO B 567 -17.41 2.06 7.39
N TYR B 568 -16.11 2.14 7.14
CA TYR B 568 -15.46 1.31 6.13
C TYR B 568 -15.24 -0.12 6.63
N LEU B 569 -14.74 -0.26 7.85
CA LEU B 569 -14.66 -1.58 8.46
C LEU B 569 -16.03 -2.24 8.57
N GLY B 570 -17.06 -1.47 8.90
CA GLY B 570 -18.41 -1.99 8.93
C GLY B 570 -18.96 -2.39 7.58
N THR B 571 -18.61 -1.67 6.52
CA THR B 571 -18.98 -2.11 5.18
C THR B 571 -18.30 -3.42 4.80
N ILE B 572 -17.01 -3.55 5.11
CA ILE B 572 -16.34 -4.83 4.92
C ILE B 572 -17.03 -5.93 5.71
N PHE B 573 -17.38 -5.66 6.96
CA PHE B 573 -18.09 -6.64 7.78
C PHE B 573 -19.42 -7.09 7.16
N CYS B 574 -20.21 -6.16 6.64
CA CYS B 574 -21.45 -6.54 5.96
C CYS B 574 -21.21 -7.37 4.70
N VAL B 575 -20.15 -7.04 3.95
CA VAL B 575 -19.81 -7.87 2.79
C VAL B 575 -19.41 -9.28 3.21
N LEU B 576 -18.63 -9.43 4.27
CA LEU B 576 -18.35 -10.75 4.80
C LEU B 576 -19.62 -11.46 5.24
N CYS B 577 -20.56 -10.75 5.88
CA CYS B 577 -21.79 -11.40 6.32
C CYS B 577 -22.58 -11.99 5.14
N ILE B 578 -22.64 -11.27 4.03
CA ILE B 578 -23.31 -11.79 2.84
C ILE B 578 -22.55 -12.99 2.25
N TYR B 579 -21.24 -12.85 2.08
CA TYR B 579 -20.46 -13.99 1.57
C TYR B 579 -20.55 -15.20 2.49
N CYS B 580 -20.59 -14.99 3.80
CA CYS B 580 -20.76 -16.08 4.75
C CYS B 580 -22.08 -16.80 4.56
N SER B 581 -23.16 -16.05 4.44
CA SER B 581 -24.45 -16.69 4.19
C SER B 581 -24.46 -17.50 2.89
N ILE B 582 -23.85 -16.96 1.83
CA ILE B 582 -23.73 -17.72 0.59
C ILE B 582 -22.89 -18.98 0.79
N GLY B 583 -21.75 -18.85 1.45
CA GLY B 583 -20.88 -19.99 1.67
C GLY B 583 -21.54 -21.12 2.44
N VAL B 584 -22.23 -20.77 3.53
CA VAL B 584 -22.94 -21.79 4.29
C VAL B 584 -24.06 -22.41 3.46
N GLN B 585 -24.68 -21.63 2.58
CA GLN B 585 -25.70 -22.21 1.70
C GLN B 585 -25.11 -23.19 0.69
N VAL B 586 -23.94 -22.90 0.12
CA VAL B 586 -23.41 -23.71 -0.99
C VAL B 586 -22.37 -24.74 -0.56
N PHE B 587 -21.67 -24.51 0.55
CA PHE B 587 -20.62 -25.43 1.00
C PHE B 587 -20.94 -26.17 2.28
N GLY B 588 -22.02 -25.85 2.97
CA GLY B 588 -22.31 -26.45 4.24
C GLY B 588 -22.44 -27.96 4.21
N GLY B 589 -21.81 -28.62 5.18
CA GLY B 589 -21.87 -30.06 5.32
C GLY B 589 -20.86 -30.84 4.52
N LEU B 590 -20.10 -30.21 3.63
CA LEU B 590 -19.13 -30.95 2.83
C LEU B 590 -17.91 -31.37 3.64
N VAL B 591 -17.46 -30.53 4.57
CA VAL B 591 -16.37 -30.86 5.47
C VAL B 591 -16.93 -31.64 6.66
N ASN B 592 -16.85 -32.97 6.58
CA ASN B 592 -17.29 -33.84 7.66
C ASN B 592 -16.36 -35.04 7.73
N ALA B 593 -16.26 -35.64 8.92
CA ALA B 593 -15.30 -36.69 9.22
C ALA B 593 -15.51 -37.96 8.43
N GLY B 594 -16.65 -38.13 7.78
CA GLY B 594 -16.89 -39.26 6.90
C GLY B 594 -16.67 -38.99 5.43
N ASN B 595 -16.16 -37.83 5.05
CA ASN B 595 -16.11 -37.46 3.63
C ASN B 595 -15.10 -38.29 2.85
N LYS B 596 -14.00 -38.68 3.47
CA LYS B 596 -12.99 -39.53 2.83
C LYS B 596 -12.22 -38.85 1.70
N LYS B 597 -12.90 -38.05 0.88
CA LYS B 597 -12.19 -37.19 -0.07
C LYS B 597 -11.51 -36.02 0.63
N LEU B 598 -12.08 -35.55 1.73
CA LEU B 598 -11.52 -34.46 2.51
C LEU B 598 -10.06 -34.70 2.92
N PHE B 599 -9.74 -35.92 3.31
CA PHE B 599 -8.41 -36.23 3.81
C PHE B 599 -7.34 -36.30 2.74
N GLU B 600 -7.70 -35.98 1.51
CA GLU B 600 -6.78 -35.75 0.40
C GLU B 600 -6.62 -34.27 0.06
N THR B 601 -7.33 -33.37 0.74
CA THR B 601 -7.74 -32.10 0.14
C THR B 601 -6.85 -30.91 0.47
N GLU B 602 -5.71 -31.11 1.11
CA GLU B 602 -4.87 -30.02 1.62
C GLU B 602 -5.43 -29.27 2.83
N LEU B 603 -6.73 -29.00 2.86
CA LEU B 603 -7.34 -28.50 4.08
C LEU B 603 -7.08 -29.44 5.25
N ALA B 604 -7.13 -30.74 4.98
CA ALA B 604 -6.82 -31.76 5.99
C ALA B 604 -5.33 -31.87 6.26
N GLU B 605 -4.50 -31.62 5.26
CA GLU B 605 -3.06 -31.74 5.46
C GLU B 605 -2.49 -30.55 6.20
N ASP B 606 -3.02 -29.36 5.94
CA ASP B 606 -2.60 -28.15 6.64
C ASP B 606 -3.25 -28.01 8.01
N ASP B 607 -4.12 -28.94 8.40
CA ASP B 607 -4.86 -28.93 9.66
C ASP B 607 -5.87 -27.79 9.79
N TYR B 608 -6.49 -27.39 8.68
CA TYR B 608 -7.39 -26.25 8.64
C TYR B 608 -8.85 -26.65 8.78
N LEU B 609 -9.13 -27.87 9.24
CA LEU B 609 -10.48 -28.42 9.19
C LEU B 609 -11.50 -27.63 10.01
N LEU B 610 -11.07 -26.92 11.04
CA LEU B 610 -11.99 -26.05 11.76
C LEU B 610 -12.37 -24.78 11.00
N PHE B 611 -11.58 -24.38 10.00
CA PHE B 611 -11.90 -23.24 9.16
C PHE B 611 -12.74 -23.70 7.99
N ASN B 612 -14.05 -23.81 8.23
CA ASN B 612 -14.98 -24.40 7.28
C ASN B 612 -16.25 -23.55 7.22
N PHE B 613 -17.13 -23.89 6.28
CA PHE B 613 -18.41 -23.22 6.08
C PHE B 613 -19.61 -24.02 6.59
N ASN B 614 -19.43 -24.82 7.63
CA ASN B 614 -20.54 -25.59 8.17
C ASN B 614 -21.47 -24.75 9.04
N ASP B 615 -21.02 -23.57 9.46
CA ASP B 615 -21.71 -22.76 10.45
C ASP B 615 -21.34 -21.30 10.23
N TYR B 616 -22.22 -20.40 10.68
CA TYR B 616 -22.00 -18.97 10.43
C TYR B 616 -20.77 -18.42 11.10
N PRO B 617 -20.52 -18.62 12.40
CA PRO B 617 -19.23 -18.20 12.98
C PRO B 617 -18.02 -18.87 12.34
N ASN B 618 -18.14 -20.13 11.94
CA ASN B 618 -17.06 -20.78 11.23
C ASN B 618 -16.78 -20.08 9.91
N GLY B 619 -17.84 -19.76 9.18
CA GLY B 619 -17.68 -19.02 7.94
C GLY B 619 -17.06 -17.64 8.14
N MET B 620 -17.46 -16.94 9.20
CA MET B 620 -16.88 -15.62 9.47
C MET B 620 -15.38 -15.70 9.76
N VAL B 621 -14.95 -16.64 10.59
CA VAL B 621 -13.51 -16.76 10.83
C VAL B 621 -12.76 -17.25 9.59
N THR B 622 -13.36 -18.14 8.80
CA THR B 622 -12.78 -18.50 7.52
C THR B 622 -12.62 -17.30 6.59
N LEU B 623 -13.66 -16.48 6.46
CA LEU B 623 -13.57 -15.29 5.63
C LEU B 623 -12.57 -14.27 6.16
N PHE B 624 -12.37 -14.19 7.47
CA PHE B 624 -11.26 -13.40 8.00
C PHE B 624 -9.91 -13.92 7.54
N ASN B 625 -9.70 -15.24 7.61
CA ASN B 625 -8.46 -15.81 7.09
C ASN B 625 -8.28 -15.55 5.59
N LEU B 626 -9.36 -15.57 4.83
CA LEU B 626 -9.29 -15.20 3.41
C LEU B 626 -8.93 -13.74 3.22
N LEU B 627 -9.57 -12.85 3.98
CA LEU B 627 -9.28 -11.43 3.92
C LEU B 627 -7.81 -11.14 4.23
N VAL B 628 -7.21 -11.90 5.15
CA VAL B 628 -5.79 -11.73 5.45
C VAL B 628 -4.89 -12.32 4.37
N MET B 629 -5.44 -13.09 3.44
CA MET B 629 -4.68 -13.66 2.31
C MET B 629 -3.59 -14.66 2.68
N GLY B 630 -3.39 -14.91 3.96
CA GLY B 630 -2.43 -15.94 4.34
C GLY B 630 -2.92 -17.33 3.98
N ASN B 631 -2.24 -17.99 3.05
CA ASN B 631 -2.54 -19.36 2.64
C ASN B 631 -3.91 -19.50 1.98
N TRP B 632 -4.45 -18.40 1.47
CA TRP B 632 -5.86 -18.32 1.14
C TRP B 632 -6.29 -19.35 0.10
N GLN B 633 -5.42 -19.67 -0.85
CA GLN B 633 -5.74 -20.63 -1.91
C GLN B 633 -5.91 -22.07 -1.42
N VAL B 634 -5.53 -22.37 -0.19
CA VAL B 634 -5.83 -23.69 0.38
C VAL B 634 -7.32 -23.96 0.39
N TRP B 635 -8.12 -23.01 0.91
CA TRP B 635 -9.57 -23.18 0.89
C TRP B 635 -10.15 -23.26 -0.51
N MET B 636 -9.69 -22.41 -1.42
CA MET B 636 -10.18 -22.46 -2.80
C MET B 636 -9.94 -23.83 -3.43
N GLU B 637 -8.72 -24.34 -3.33
CA GLU B 637 -8.40 -25.63 -3.93
C GLU B 637 -9.11 -26.79 -3.23
N SER B 638 -9.23 -26.73 -1.91
CA SER B 638 -9.93 -27.80 -1.19
C SER B 638 -11.41 -27.84 -1.51
N TYR B 639 -12.09 -26.70 -1.50
CA TYR B 639 -13.51 -26.72 -1.85
C TYR B 639 -13.75 -27.00 -3.33
N LYS B 640 -12.82 -26.64 -4.22
CA LYS B 640 -12.88 -27.14 -5.58
C LYS B 640 -12.87 -28.67 -5.63
N ASP B 641 -11.96 -29.29 -4.88
CA ASP B 641 -11.95 -30.76 -4.80
C ASP B 641 -13.24 -31.32 -4.22
N LEU B 642 -13.71 -30.74 -3.12
CA LEU B 642 -14.88 -31.26 -2.41
C LEU B 642 -16.18 -31.09 -3.21
N THR B 643 -16.27 -30.05 -4.05
CA THR B 643 -17.45 -29.84 -4.86
C THR B 643 -17.35 -30.47 -6.24
N GLY B 644 -16.15 -30.77 -6.71
CA GLY B 644 -15.99 -31.39 -8.01
C GLY B 644 -16.26 -30.50 -9.19
N THR B 645 -16.22 -29.18 -9.01
CA THR B 645 -16.51 -28.25 -10.08
C THR B 645 -15.58 -27.06 -9.97
N TRP B 646 -15.17 -26.53 -11.13
CA TRP B 646 -14.40 -25.29 -11.18
C TRP B 646 -15.25 -24.08 -10.88
N TRP B 647 -16.56 -24.15 -11.08
CA TRP B 647 -17.44 -23.04 -10.78
C TRP B 647 -17.38 -22.63 -9.32
N SER B 648 -17.00 -23.52 -8.41
CA SER B 648 -16.75 -23.14 -7.02
C SER B 648 -15.73 -22.02 -6.88
N ILE B 649 -14.76 -21.90 -7.78
CA ILE B 649 -13.76 -20.85 -7.65
C ILE B 649 -14.34 -19.46 -7.88
N THR B 650 -15.50 -19.35 -8.52
CA THR B 650 -16.14 -18.04 -8.70
C THR B 650 -16.36 -17.35 -7.36
N TYR B 651 -16.69 -18.12 -6.32
CA TYR B 651 -16.83 -17.58 -4.97
C TYR B 651 -15.56 -16.89 -4.50
N PHE B 652 -14.43 -17.59 -4.56
CA PHE B 652 -13.19 -17.06 -4.00
C PHE B 652 -12.60 -15.95 -4.86
N VAL B 653 -12.67 -16.09 -6.18
CA VAL B 653 -12.19 -15.05 -7.08
C VAL B 653 -13.00 -13.76 -6.91
N SER B 654 -14.33 -13.85 -6.88
CA SER B 654 -15.13 -12.65 -6.67
C SER B 654 -14.88 -12.04 -5.31
N PHE B 655 -14.72 -12.86 -4.27
CA PHE B 655 -14.38 -12.32 -2.95
C PHE B 655 -13.08 -11.53 -2.97
N TYR B 656 -12.05 -12.09 -3.59
CA TYR B 656 -10.77 -11.38 -3.71
C TYR B 656 -10.92 -10.06 -4.47
N VAL B 657 -11.58 -10.11 -5.64
CA VAL B 657 -11.74 -8.93 -6.48
C VAL B 657 -12.52 -7.83 -5.77
N ILE B 658 -13.57 -8.18 -5.02
CA ILE B 658 -14.29 -7.15 -4.30
C ILE B 658 -13.50 -6.65 -3.09
N THR B 659 -13.06 -7.55 -2.21
CA THR B 659 -12.57 -7.09 -0.91
C THR B 659 -11.13 -6.61 -0.94
N ILE B 660 -10.20 -7.36 -1.56
CA ILE B 660 -8.80 -6.96 -1.51
C ILE B 660 -8.54 -5.79 -2.45
N LEU B 661 -8.80 -5.96 -3.73
CA LEU B 661 -8.37 -4.96 -4.70
C LEU B 661 -9.16 -3.66 -4.57
N LEU B 662 -10.38 -3.71 -4.05
CA LEU B 662 -11.12 -2.48 -3.80
C LEU B 662 -11.14 -2.01 -2.34
N LEU B 663 -11.77 -2.76 -1.44
CA LEU B 663 -12.13 -2.22 -0.13
C LEU B 663 -10.91 -1.99 0.77
N LEU B 664 -9.97 -2.93 0.77
CA LEU B 664 -8.75 -2.72 1.55
C LEU B 664 -7.87 -1.60 0.97
N ASN B 665 -7.84 -1.45 -0.36
CA ASN B 665 -7.17 -0.28 -0.93
C ASN B 665 -7.86 1.01 -0.53
N LEU B 666 -9.18 0.99 -0.40
CA LEU B 666 -9.90 2.13 0.15
C LEU B 666 -9.47 2.45 1.57
N VAL B 667 -9.30 1.42 2.39
CA VAL B 667 -8.79 1.62 3.76
C VAL B 667 -7.38 2.22 3.75
N VAL B 668 -6.50 1.74 2.87
CA VAL B 668 -5.16 2.32 2.77
C VAL B 668 -5.21 3.80 2.40
N ALA B 669 -6.00 4.14 1.38
CA ALA B 669 -6.19 5.54 1.01
C ALA B 669 -6.70 6.38 2.17
N PHE B 670 -7.68 5.86 2.91
CA PHE B 670 -8.24 6.59 4.04
C PHE B 670 -7.20 6.85 5.13
N VAL B 671 -6.38 5.85 5.45
CA VAL B 671 -5.34 6.03 6.46
C VAL B 671 -4.31 7.06 6.00
N LEU B 672 -3.87 6.96 4.75
CA LEU B 672 -2.89 7.92 4.24
C LEU B 672 -3.43 9.35 4.27
N GLU B 673 -4.65 9.55 3.80
CA GLU B 673 -5.24 10.88 3.80
C GLU B 673 -5.44 11.43 5.22
N ALA B 674 -5.79 10.56 6.18
CA ALA B 674 -5.86 10.99 7.57
C ALA B 674 -4.52 11.46 8.11
N PHE B 675 -3.44 10.71 7.82
CA PHE B 675 -2.13 11.13 8.30
C PHE B 675 -1.70 12.46 7.70
N PHE B 676 -1.87 12.63 6.40
CA PHE B 676 -1.51 13.91 5.79
C PHE B 676 -2.35 15.07 6.33
N THR B 677 -3.62 14.82 6.64
CA THR B 677 -4.43 15.86 7.29
C THR B 677 -3.89 16.22 8.66
N GLU B 678 -3.40 15.23 9.41
CA GLU B 678 -2.81 15.55 10.71
C GLU B 678 -1.54 16.36 10.57
N LEU B 679 -0.68 16.02 9.61
CA LEU B 679 0.53 16.82 9.41
C LEU B 679 0.20 18.25 9.01
N ASP B 680 -0.79 18.45 8.15
CA ASP B 680 -1.19 19.83 7.83
C ASP B 680 -1.78 20.55 9.03
N LEU B 681 -2.53 19.86 9.88
CA LEU B 681 -3.07 20.50 11.08
C LEU B 681 -1.97 20.94 12.04
N GLU B 682 -0.96 20.10 12.25
CA GLU B 682 0.21 20.52 13.02
C GLU B 682 0.97 21.65 12.34
N GLU B 683 1.09 21.63 11.02
CA GLU B 683 1.73 22.73 10.30
C GLU B 683 0.95 24.03 10.40
N GLU B 684 -0.35 23.95 10.70
CA GLU B 684 -1.14 25.14 10.99
C GLU B 684 -1.07 25.57 12.45
N GLU B 685 -0.86 24.63 13.37
CA GLU B 685 -0.73 25.00 14.77
C GLU B 685 0.57 25.74 15.03
N LYS B 686 1.66 25.31 14.39
CA LYS B 686 2.97 25.88 14.66
C LYS B 686 3.08 27.29 14.09
CA CA C . 38.83 -11.80 -3.54
CA CA D . -3.61 -17.80 32.97
NA NA E . 2.02 -22.00 4.09
CA CA F . 8.34 -25.31 -26.13
CA CA G . -35.90 -18.08 8.06
#